data_8RNF
#
_entry.id   8RNF
#
_cell.length_a   122.233
_cell.length_b   66.530
_cell.length_c   158.446
_cell.angle_alpha   90.000
_cell.angle_beta   95.256
_cell.angle_gamma   90.000
#
_symmetry.space_group_name_H-M   'C 1 2 1'
#
loop_
_entity.id
_entity.type
_entity.pdbx_description
1 polymer 'HLA class I histocompatibility antigen, E alpha chain variant'
2 polymer Beta-2-microglobulin
3 polymer 'Non-structural protein 7'
4 water water
#
loop_
_entity_poly.entity_id
_entity_poly.type
_entity_poly.pdbx_seq_one_letter_code
_entity_poly.pdbx_strand_id
1 'polypeptide(L)'
;GSHSLKYFHTSVSRPGRGEPRFISVGYVDDTQFVRFDNDAASPRMVPRAPWMEQEGSEYWDRETRSARDTAQIFRVNLRT
LRGYYNQSEAGSHTLQWMHGCELGPDGRFLRGYEQFAYDGKDYLTLNEDLRSWTAVDTAAQISEQKSNDASEAEHQRAYL
EDTCVEWLHKYLEKGKETLLHLEPPKTHVTHHPISDHEATLRCWALGFYPAEITLTWQQDGEGHTQDTELVETRPAGDGT
FQKWAAVVVPSGEEQRYTCHVQHEGLPEPVTLRW
;
A,C,F
2 'polypeptide(L)'
;MIQRTPKIQVYSRHPAENGKSNFLNCYVSGFHPSDIEVDLLKNGERIEKVEHSDLSFSKDWSFYLLYYTEFTPTEKDEYA
CRVNHVTLSQPKIVKWDRDM
;
B,D,G
3 'polypeptide(L)' VIPLSAPTL E,H,P
#
# COMPACT_ATOMS: atom_id res chain seq x y z
N GLY A 1 17.49 -4.28 -15.07
CA GLY A 1 18.30 -3.22 -15.70
C GLY A 1 18.40 -1.98 -14.82
N SER A 2 18.30 -0.80 -15.47
CA SER A 2 18.31 0.50 -14.81
C SER A 2 16.98 0.74 -14.10
N HIS A 3 17.02 1.52 -13.01
CA HIS A 3 15.82 1.86 -12.25
C HIS A 3 15.95 3.31 -11.78
N SER A 4 14.80 3.93 -11.46
CA SER A 4 14.80 5.31 -11.00
C SER A 4 13.63 5.56 -10.06
N LEU A 5 13.89 6.44 -9.10
CA LEU A 5 12.90 6.90 -8.15
C LEU A 5 12.75 8.40 -8.39
N LYS A 6 11.55 8.80 -8.78
CA LYS A 6 11.35 10.18 -9.21
C LYS A 6 10.06 10.73 -8.61
N TYR A 7 10.05 12.05 -8.38
CA TYR A 7 8.84 12.73 -7.97
C TYR A 7 8.62 14.00 -8.79
N PHE A 8 7.35 14.35 -8.94
CA PHE A 8 6.88 15.55 -9.62
C PHE A 8 5.96 16.33 -8.68
N HIS A 9 6.30 17.59 -8.42
CA HIS A 9 5.51 18.40 -7.52
C HIS A 9 5.03 19.64 -8.27
N THR A 10 3.74 19.95 -8.15
CA THR A 10 3.11 21.12 -8.76
C THR A 10 2.33 21.90 -7.73
N SER A 11 2.58 23.21 -7.65
CA SER A 11 1.85 24.15 -6.83
C SER A 11 1.30 25.26 -7.74
N VAL A 12 0.00 25.54 -7.66
CA VAL A 12 -0.70 26.49 -8.52
C VAL A 12 -1.54 27.46 -7.67
N SER A 13 -1.25 28.75 -7.73
CA SER A 13 -2.01 29.71 -6.96
C SER A 13 -3.38 29.89 -7.61
N ARG A 14 -4.36 30.26 -6.78
CA ARG A 14 -5.74 30.45 -7.24
C ARG A 14 -6.32 31.59 -6.41
N PRO A 15 -5.85 32.84 -6.64
CA PRO A 15 -6.16 33.96 -5.74
C PRO A 15 -7.67 34.06 -5.48
N GLY A 16 -8.05 34.21 -4.20
CA GLY A 16 -9.45 34.32 -3.80
C GLY A 16 -10.18 32.98 -3.71
N ARG A 17 -9.54 31.88 -4.13
CA ARG A 17 -10.20 30.59 -4.21
C ARG A 17 -9.44 29.55 -3.41
N GLY A 18 -8.67 30.02 -2.41
CA GLY A 18 -8.02 29.18 -1.41
C GLY A 18 -6.50 29.23 -1.48
N GLU A 19 -5.85 28.48 -0.58
CA GLU A 19 -4.42 28.20 -0.62
C GLU A 19 -4.10 27.56 -1.97
N PRO A 20 -2.88 27.70 -2.53
CA PRO A 20 -2.52 27.05 -3.80
C PRO A 20 -2.83 25.56 -3.78
N ARG A 21 -3.27 25.05 -4.94
CA ARG A 21 -3.41 23.61 -5.12
C ARG A 21 -2.04 22.99 -5.18
N PHE A 22 -1.80 21.95 -4.37
CA PHE A 22 -0.50 21.31 -4.32
C PHE A 22 -0.66 19.80 -4.54
N ILE A 23 0.01 19.29 -5.57
CA ILE A 23 -0.04 17.86 -5.90
C ILE A 23 1.40 17.33 -6.04
N SER A 24 1.72 16.25 -5.32
CA SER A 24 2.98 15.52 -5.43
C SER A 24 2.69 14.09 -5.90
N VAL A 25 3.49 13.57 -6.83
CA VAL A 25 3.39 12.18 -7.26
C VAL A 25 4.78 11.56 -7.31
N GLY A 26 4.87 10.32 -6.85
CA GLY A 26 6.09 9.55 -6.88
C GLY A 26 5.96 8.37 -7.84
N TYR A 27 7.03 8.11 -8.59
CA TYR A 27 7.15 6.97 -9.50
C TYR A 27 8.39 6.16 -9.22
N VAL A 28 8.30 4.83 -9.35
CA VAL A 28 9.47 4.02 -9.59
C VAL A 28 9.37 3.55 -11.04
N ASP A 29 10.38 3.89 -11.84
CA ASP A 29 10.30 3.65 -13.26
C ASP A 29 9.01 4.25 -13.79
N ASP A 30 8.16 3.43 -14.43
CA ASP A 30 6.96 3.95 -15.05
C ASP A 30 5.74 3.71 -14.16
N THR A 31 5.95 3.33 -12.89
CA THR A 31 4.85 2.96 -12.00
C THR A 31 4.67 4.03 -10.93
N GLN A 32 3.48 4.62 -10.88
CA GLN A 32 3.15 5.57 -9.83
C GLN A 32 2.85 4.78 -8.57
N PHE A 33 3.31 5.25 -7.39
CA PHE A 33 3.18 4.47 -6.17
C PHE A 33 2.67 5.31 -5.00
N VAL A 34 2.80 6.65 -5.05
CA VAL A 34 2.27 7.51 -3.98
C VAL A 34 1.71 8.79 -4.59
N ARG A 35 0.85 9.48 -3.83
CA ARG A 35 0.51 10.85 -4.16
C ARG A 35 0.15 11.63 -2.89
N PHE A 36 0.34 12.95 -3.00
CA PHE A 36 -0.18 13.92 -2.05
C PHE A 36 -0.95 14.98 -2.83
N ASP A 37 -2.22 15.21 -2.45
CA ASP A 37 -3.08 16.22 -3.07
C ASP A 37 -3.83 16.93 -1.96
N ASN A 38 -3.62 18.23 -1.83
CA ASN A 38 -4.19 18.98 -0.72
C ASN A 38 -5.70 19.19 -0.91
N ASP A 39 -6.25 18.86 -2.08
CA ASP A 39 -7.69 18.95 -2.29
C ASP A 39 -8.37 17.59 -2.19
N ALA A 40 -7.61 16.50 -1.98
CA ALA A 40 -8.22 15.16 -1.97
C ALA A 40 -9.01 14.97 -0.69
N ALA A 41 -9.90 13.97 -0.70
CA ALA A 41 -10.70 13.58 0.46
C ALA A 41 -9.83 13.35 1.69
N SER A 42 -8.72 12.60 1.54
CA SER A 42 -7.66 12.56 2.54
C SER A 42 -6.46 13.34 2.00
N PRO A 43 -6.23 14.59 2.47
CA PRO A 43 -5.17 15.45 1.95
C PRO A 43 -3.83 15.18 2.62
N ARG A 44 -3.37 13.94 2.46
CA ARG A 44 -2.17 13.40 3.10
C ARG A 44 -1.43 12.61 2.04
N MET A 45 -0.23 12.11 2.36
CA MET A 45 0.41 11.17 1.45
C MET A 45 -0.35 9.85 1.53
N VAL A 46 -0.67 9.26 0.38
CA VAL A 46 -1.45 8.03 0.33
C VAL A 46 -0.88 7.08 -0.72
N PRO A 47 -1.11 5.75 -0.55
CA PRO A 47 -0.66 4.77 -1.53
C PRO A 47 -1.44 4.88 -2.83
N ARG A 48 -0.73 4.67 -3.93
CA ARG A 48 -1.34 4.61 -5.26
C ARG A 48 -0.86 3.39 -6.03
N ALA A 49 -0.22 2.44 -5.33
CA ALA A 49 0.09 1.12 -5.86
C ALA A 49 -0.25 0.08 -4.80
N PRO A 50 -0.69 -1.15 -5.19
CA PRO A 50 -1.15 -2.15 -4.23
C PRO A 50 -0.07 -2.57 -3.25
N TRP A 51 1.18 -2.58 -3.74
CA TRP A 51 2.31 -3.04 -2.95
C TRP A 51 2.74 -2.03 -1.89
N MET A 52 2.11 -0.85 -1.86
CA MET A 52 2.36 0.17 -0.83
C MET A 52 1.29 0.16 0.26
N GLU A 53 0.21 -0.61 0.08
CA GLU A 53 -0.92 -0.56 0.99
C GLU A 53 -0.55 -1.15 2.35
N GLN A 54 0.57 -1.85 2.43
CA GLN A 54 0.99 -2.49 3.67
C GLN A 54 1.93 -1.64 4.51
N GLU A 55 2.24 -0.40 4.10
CA GLU A 55 3.44 0.29 4.55
C GLU A 55 3.48 0.64 6.04
N GLY A 56 2.34 0.93 6.66
CA GLY A 56 2.37 1.26 8.07
C GLY A 56 2.36 2.76 8.32
N SER A 57 1.81 3.15 9.46
CA SER A 57 1.42 4.53 9.68
C SER A 57 2.64 5.44 9.85
N GLU A 58 3.79 4.90 10.25
CA GLU A 58 4.97 5.75 10.42
C GLU A 58 5.44 6.32 9.07
N TYR A 59 5.41 5.50 8.04
CA TYR A 59 5.76 5.96 6.69
C TYR A 59 4.82 7.08 6.25
N TRP A 60 3.51 6.89 6.34
CA TRP A 60 2.57 7.91 5.87
C TRP A 60 2.75 9.20 6.69
N ASP A 61 3.04 9.08 7.99
CA ASP A 61 3.23 10.27 8.82
C ASP A 61 4.46 11.06 8.36
N ARG A 62 5.60 10.40 8.18
CA ARG A 62 6.81 11.11 7.78
C ARG A 62 6.65 11.74 6.40
N GLU A 63 5.99 11.04 5.46
CA GLU A 63 5.82 11.55 4.11
C GLU A 63 4.79 12.68 4.09
N THR A 64 3.73 12.55 4.89
CA THR A 64 2.79 13.64 5.01
C THR A 64 3.46 14.88 5.59
N ARG A 65 4.27 14.73 6.64
CA ARG A 65 4.97 15.88 7.21
C ARG A 65 5.82 16.55 6.15
N SER A 66 6.58 15.76 5.41
CA SER A 66 7.47 16.30 4.38
C SER A 66 6.67 17.01 3.29
N ALA A 67 5.58 16.39 2.83
CA ALA A 67 4.77 16.95 1.76
C ALA A 67 4.10 18.25 2.23
N ARG A 68 3.53 18.25 3.43
CA ARG A 68 2.92 19.45 3.98
C ARG A 68 3.92 20.60 4.06
N ASP A 69 5.13 20.32 4.56
CA ASP A 69 6.20 21.30 4.63
C ASP A 69 6.56 21.85 3.24
N THR A 70 6.61 20.96 2.23
CA THR A 70 6.88 21.35 0.86
C THR A 70 5.79 22.28 0.33
N ALA A 71 4.52 21.95 0.61
CA ALA A 71 3.42 22.77 0.15
C ALA A 71 3.52 24.17 0.76
N GLN A 72 3.94 24.24 2.03
CA GLN A 72 4.00 25.51 2.74
C GLN A 72 5.11 26.39 2.15
N ILE A 73 6.27 25.78 1.88
CA ILE A 73 7.40 26.49 1.31
C ILE A 73 7.06 26.94 -0.11
N PHE A 74 6.35 26.09 -0.88
CA PHE A 74 5.96 26.46 -2.22
C PHE A 74 4.95 27.62 -2.22
N ARG A 75 4.03 27.63 -1.27
CA ARG A 75 3.08 28.73 -1.15
C ARG A 75 3.84 30.05 -0.98
N VAL A 76 4.86 30.02 -0.11
CA VAL A 76 5.67 31.21 0.14
C VAL A 76 6.46 31.55 -1.11
N ASN A 77 7.03 30.52 -1.76
CA ASN A 77 7.83 30.73 -2.96
C ASN A 77 6.99 31.42 -4.03
N LEU A 78 5.70 31.06 -4.14
CA LEU A 78 4.87 31.69 -5.17
C LEU A 78 4.70 33.18 -4.87
N ARG A 79 4.54 33.55 -3.59
CA ARG A 79 4.46 34.96 -3.23
C ARG A 79 5.77 35.67 -3.60
N THR A 80 6.91 35.12 -3.17
CA THR A 80 8.22 35.70 -3.44
C THR A 80 8.40 35.95 -4.94
N LEU A 81 8.07 34.95 -5.76
CA LEU A 81 8.32 35.01 -7.18
C LEU A 81 7.51 36.13 -7.84
N ARG A 82 6.26 36.32 -7.37
CA ARG A 82 5.44 37.45 -7.75
C ARG A 82 6.18 38.77 -7.50
N GLY A 83 6.85 38.85 -6.36
CA GLY A 83 7.62 40.04 -6.01
C GLY A 83 8.83 40.24 -6.92
N TYR A 84 9.57 39.16 -7.21
CA TYR A 84 10.72 39.25 -8.09
C TYR A 84 10.29 39.79 -9.47
N TYR A 85 9.17 39.26 -9.99
CA TYR A 85 8.76 39.58 -11.35
C TYR A 85 7.76 40.74 -11.40
N ASN A 86 7.38 41.31 -10.25
CA ASN A 86 6.46 42.43 -10.19
C ASN A 86 5.11 42.08 -10.80
N GLN A 87 4.57 40.92 -10.41
CA GLN A 87 3.31 40.45 -10.95
C GLN A 87 2.21 40.69 -9.93
N SER A 88 1.00 40.87 -10.45
CA SER A 88 -0.19 41.19 -9.68
C SER A 88 -0.60 40.04 -8.78
N GLU A 89 -1.31 40.35 -7.69
CA GLU A 89 -1.79 39.34 -6.78
C GLU A 89 -2.95 38.57 -7.38
N ALA A 90 -3.39 38.96 -8.59
CA ALA A 90 -4.66 38.49 -9.14
C ALA A 90 -4.51 37.29 -10.08
N GLY A 91 -3.34 37.08 -10.68
CA GLY A 91 -3.18 35.98 -11.62
C GLY A 91 -2.83 34.65 -10.94
N SER A 92 -3.09 33.54 -11.63
CA SER A 92 -2.67 32.21 -11.19
C SER A 92 -1.27 31.92 -11.73
N HIS A 93 -0.36 31.40 -10.89
CA HIS A 93 0.99 31.05 -11.34
C HIS A 93 1.34 29.64 -10.87
N THR A 94 2.30 29.03 -11.56
CA THR A 94 2.68 27.63 -11.34
C THR A 94 4.14 27.53 -10.91
N LEU A 95 4.39 26.76 -9.84
CA LEU A 95 5.74 26.35 -9.48
C LEU A 95 5.80 24.82 -9.54
N GLN A 96 6.76 24.31 -10.31
CA GLN A 96 6.97 22.88 -10.47
C GLN A 96 8.39 22.51 -10.02
N TRP A 97 8.50 21.32 -9.41
CA TRP A 97 9.75 20.80 -8.88
C TRP A 97 9.82 19.33 -9.27
N MET A 98 10.92 18.95 -9.92
CA MET A 98 11.13 17.54 -10.25
C MET A 98 12.52 17.13 -9.79
N HIS A 99 12.61 15.90 -9.32
CA HIS A 99 13.86 15.34 -8.82
C HIS A 99 13.79 13.83 -9.02
N GLY A 100 14.98 13.23 -9.14
CA GLY A 100 15.08 11.78 -9.18
C GLY A 100 16.52 11.29 -9.06
N CYS A 101 16.65 9.99 -8.74
CA CYS A 101 17.91 9.27 -8.79
C CYS A 101 17.75 8.06 -9.70
N GLU A 102 18.83 7.76 -10.43
CA GLU A 102 18.87 6.71 -11.43
C GLU A 102 20.03 5.77 -11.11
N LEU A 103 19.74 4.47 -11.10
CA LEU A 103 20.73 3.41 -10.99
C LEU A 103 20.95 2.81 -12.37
N GLY A 104 22.21 2.54 -12.70
CA GLY A 104 22.54 1.85 -13.94
C GLY A 104 22.31 0.35 -13.80
N PRO A 105 22.58 -0.45 -14.85
CA PRO A 105 22.24 -1.88 -14.82
C PRO A 105 23.10 -2.65 -13.80
N ASP A 106 24.26 -2.08 -13.47
CA ASP A 106 25.20 -2.70 -12.55
C ASP A 106 24.78 -2.45 -11.10
N GLY A 107 23.64 -1.76 -10.89
CA GLY A 107 23.03 -1.66 -9.58
C GLY A 107 23.42 -0.39 -8.83
N ARG A 108 24.32 0.40 -9.43
CA ARG A 108 24.94 1.52 -8.74
C ARG A 108 24.42 2.87 -9.25
N PHE A 109 24.47 3.84 -8.33
CA PHE A 109 24.10 5.21 -8.60
C PHE A 109 24.76 5.69 -9.88
N LEU A 110 23.94 6.18 -10.82
CA LEU A 110 24.44 6.73 -12.06
C LEU A 110 24.32 8.26 -12.05
N ARG A 111 23.14 8.78 -11.69
CA ARG A 111 22.87 10.20 -11.80
C ARG A 111 21.73 10.61 -10.87
N GLY A 112 21.81 11.83 -10.35
CA GLY A 112 20.68 12.49 -9.71
C GLY A 112 20.41 13.82 -10.41
N TYR A 113 19.17 14.31 -10.29
CA TYR A 113 18.81 15.58 -10.89
C TYR A 113 17.74 16.26 -10.05
N GLU A 114 17.66 17.57 -10.21
CA GLU A 114 16.62 18.34 -9.54
C GLU A 114 16.47 19.65 -10.31
N GLN A 115 15.21 20.03 -10.62
CA GLN A 115 14.95 21.27 -11.35
C GLN A 115 13.66 21.92 -10.86
N PHE A 116 13.63 23.25 -10.86
CA PHE A 116 12.42 24.06 -10.70
C PHE A 116 12.05 24.80 -11.97
N ALA A 117 10.73 24.91 -12.18
CA ALA A 117 10.15 25.74 -13.22
C ALA A 117 9.12 26.68 -12.64
N TYR A 118 9.08 27.89 -13.20
CA TYR A 118 8.08 28.87 -12.87
C TYR A 118 7.33 29.24 -14.14
N ASP A 119 6.00 29.05 -14.11
CA ASP A 119 5.11 29.30 -15.24
C ASP A 119 5.60 28.59 -16.49
N GLY A 120 6.02 27.33 -16.30
CA GLY A 120 6.18 26.42 -17.42
C GLY A 120 7.54 26.48 -18.13
N LYS A 121 8.53 27.17 -17.55
CA LYS A 121 9.88 27.16 -18.09
C LYS A 121 10.90 27.10 -16.96
N ASP A 122 12.10 26.61 -17.31
CA ASP A 122 13.23 26.49 -16.40
C ASP A 122 13.37 27.74 -15.55
N TYR A 123 13.67 27.55 -14.27
CA TYR A 123 13.91 28.65 -13.33
C TYR A 123 15.25 28.45 -12.64
N LEU A 124 15.42 27.35 -11.89
CA LEU A 124 16.63 27.05 -11.15
C LEU A 124 16.92 25.55 -11.28
N THR A 125 18.16 25.21 -11.64
CA THR A 125 18.55 23.84 -11.92
C THR A 125 19.76 23.46 -11.08
N LEU A 126 19.76 22.27 -10.49
CA LEU A 126 20.92 21.77 -9.77
C LEU A 126 21.89 21.21 -10.81
N ASN A 127 23.16 21.64 -10.72
CA ASN A 127 24.18 21.26 -11.70
C ASN A 127 24.51 19.77 -11.54
N GLU A 128 25.21 19.22 -12.53
CA GLU A 128 25.51 17.79 -12.51
C GLU A 128 26.40 17.42 -11.32
N ASP A 129 27.24 18.34 -10.81
CA ASP A 129 28.08 18.04 -9.66
C ASP A 129 27.25 17.94 -8.37
N LEU A 130 25.97 18.34 -8.43
CA LEU A 130 25.09 18.33 -7.28
C LEU A 130 25.60 19.24 -6.16
N ARG A 131 26.42 20.24 -6.52
CA ARG A 131 27.07 21.09 -5.54
C ARG A 131 26.79 22.57 -5.81
N SER A 132 26.14 22.88 -6.94
CA SER A 132 25.94 24.25 -7.40
C SER A 132 24.66 24.29 -8.23
N TRP A 133 24.21 25.51 -8.57
CA TRP A 133 22.96 25.74 -9.30
C TRP A 133 23.20 26.61 -10.54
N THR A 134 22.32 26.47 -11.55
CA THR A 134 22.22 27.40 -12.67
C THR A 134 20.88 28.14 -12.60
N ALA A 135 20.96 29.48 -12.66
CA ALA A 135 19.81 30.38 -12.66
C ALA A 135 19.51 30.86 -14.07
N VAL A 136 18.22 30.92 -14.45
CA VAL A 136 17.83 31.30 -15.80
C VAL A 136 17.91 32.81 -16.05
N ASP A 137 17.76 33.63 -14.99
CA ASP A 137 17.66 35.08 -15.10
C ASP A 137 18.04 35.70 -13.75
N THR A 138 17.87 37.02 -13.62
CA THR A 138 18.35 37.73 -12.44
C THR A 138 17.46 37.44 -11.21
N ALA A 139 16.20 37.04 -11.41
CA ALA A 139 15.37 36.58 -10.30
C ALA A 139 15.91 35.26 -9.73
N ALA A 140 16.14 34.28 -10.60
CA ALA A 140 16.60 32.98 -10.14
C ALA A 140 18.03 33.10 -9.60
N GLN A 141 18.75 34.15 -10.01
CA GLN A 141 20.05 34.43 -9.42
C GLN A 141 19.91 34.72 -7.92
N ILE A 142 18.83 35.39 -7.52
CA ILE A 142 18.58 35.63 -6.10
C ILE A 142 18.31 34.29 -5.41
N SER A 143 17.49 33.44 -6.03
CA SER A 143 17.22 32.12 -5.48
C SER A 143 18.49 31.31 -5.33
N GLU A 144 19.40 31.43 -6.30
CA GLU A 144 20.67 30.72 -6.26
C GLU A 144 21.48 31.17 -5.05
N GLN A 145 21.62 32.48 -4.88
CA GLN A 145 22.32 33.05 -3.74
C GLN A 145 21.74 32.56 -2.41
N LYS A 146 20.41 32.57 -2.28
CA LYS A 146 19.80 32.11 -1.03
C LYS A 146 20.12 30.64 -0.76
N SER A 147 20.04 29.83 -1.84
CA SER A 147 20.40 28.42 -1.76
C SER A 147 21.87 28.24 -1.34
N ASN A 148 22.78 29.02 -1.94
CA ASN A 148 24.17 29.00 -1.53
C ASN A 148 24.30 29.35 -0.05
N ASP A 149 23.67 30.46 0.39
CA ASP A 149 23.70 30.88 1.79
C ASP A 149 23.29 29.71 2.69
N ALA A 150 22.22 29.00 2.31
CA ALA A 150 21.61 27.98 3.16
C ALA A 150 22.21 26.58 2.93
N SER A 151 23.24 26.47 2.07
CA SER A 151 23.89 25.22 1.70
C SER A 151 22.86 24.18 1.21
N GLU A 152 21.91 24.65 0.38
CA GLU A 152 20.79 23.81 -0.03
C GLU A 152 21.26 22.63 -0.86
N ALA A 153 22.26 22.84 -1.70
CA ALA A 153 22.77 21.76 -2.54
C ALA A 153 23.30 20.60 -1.69
N GLU A 154 23.86 20.87 -0.50
CA GLU A 154 24.28 19.80 0.40
C GLU A 154 23.10 18.94 0.82
N HIS A 155 21.98 19.58 1.20
CA HIS A 155 20.79 18.83 1.56
C HIS A 155 20.29 17.99 0.36
N GLN A 156 20.32 18.57 -0.85
CA GLN A 156 19.79 17.89 -2.03
C GLN A 156 20.71 16.76 -2.46
N ARG A 157 22.03 16.97 -2.36
CA ARG A 157 23.00 15.95 -2.69
C ARG A 157 22.89 14.76 -1.74
N ALA A 158 22.72 15.01 -0.43
CA ALA A 158 22.55 13.91 0.52
C ALA A 158 21.30 13.11 0.15
N TYR A 159 20.22 13.81 -0.22
CA TYR A 159 18.99 13.12 -0.61
C TYR A 159 19.24 12.27 -1.86
N LEU A 160 19.82 12.86 -2.91
CA LEU A 160 19.91 12.16 -4.20
C LEU A 160 20.88 11.00 -4.18
N GLU A 161 22.03 11.15 -3.51
CA GLU A 161 23.12 10.18 -3.53
C GLU A 161 22.90 9.08 -2.49
N ASP A 162 22.17 9.42 -1.41
CA ASP A 162 21.97 8.48 -0.29
C ASP A 162 20.52 8.07 -0.17
N THR A 163 19.67 8.95 0.37
CA THR A 163 18.31 8.58 0.77
C THR A 163 17.59 7.99 -0.43
N CYS A 164 17.67 8.68 -1.57
CA CYS A 164 16.93 8.32 -2.78
C CYS A 164 17.32 6.90 -3.20
N VAL A 165 18.63 6.63 -3.18
CA VAL A 165 19.16 5.32 -3.55
C VAL A 165 18.69 4.24 -2.59
N GLU A 166 18.75 4.53 -1.28
CA GLU A 166 18.33 3.59 -0.24
C GLU A 166 16.87 3.18 -0.42
N TRP A 167 15.99 4.18 -0.61
CA TRP A 167 14.56 3.92 -0.74
C TRP A 167 14.22 3.29 -2.08
N LEU A 168 14.97 3.60 -3.14
CA LEU A 168 14.73 2.95 -4.42
C LEU A 168 14.90 1.45 -4.24
N HIS A 169 15.94 1.04 -3.51
CA HIS A 169 16.19 -0.38 -3.28
C HIS A 169 15.03 -0.98 -2.49
N LYS A 170 14.54 -0.26 -1.48
CA LYS A 170 13.44 -0.74 -0.66
C LYS A 170 12.16 -0.91 -1.48
N TYR A 171 11.85 0.08 -2.32
CA TYR A 171 10.65 0.04 -3.14
C TYR A 171 10.75 -1.07 -4.20
N LEU A 172 11.95 -1.33 -4.72
CA LEU A 172 12.11 -2.39 -5.71
C LEU A 172 11.85 -3.75 -5.06
N GLU A 173 12.15 -3.89 -3.78
CA GLU A 173 11.85 -5.13 -3.06
C GLU A 173 10.34 -5.23 -2.79
N LYS A 174 9.74 -4.17 -2.27
CA LYS A 174 8.34 -4.18 -1.88
C LYS A 174 7.45 -4.46 -3.10
N GLY A 175 7.85 -3.92 -4.26
CA GLY A 175 7.04 -4.04 -5.47
C GLY A 175 7.64 -4.98 -6.52
N LYS A 176 8.54 -5.89 -6.14
CA LYS A 176 9.32 -6.62 -7.13
C LYS A 176 8.45 -7.42 -8.11
N GLU A 177 7.35 -8.00 -7.62
CA GLU A 177 6.56 -8.91 -8.42
C GLU A 177 6.02 -8.20 -9.67
N THR A 178 5.79 -6.88 -9.58
CA THR A 178 5.35 -6.12 -10.75
C THR A 178 6.43 -5.19 -11.30
N LEU A 179 7.27 -4.57 -10.45
CA LEU A 179 8.27 -3.63 -10.93
C LEU A 179 9.33 -4.33 -11.76
N LEU A 180 9.64 -5.60 -11.44
CA LEU A 180 10.72 -6.28 -12.14
C LEU A 180 10.15 -7.18 -13.24
N HIS A 181 8.83 -7.22 -13.40
CA HIS A 181 8.21 -8.01 -14.45
C HIS A 181 8.23 -7.22 -15.76
N LEU A 182 8.79 -7.82 -16.82
CA LEU A 182 8.69 -7.24 -18.15
C LEU A 182 7.44 -7.83 -18.82
N GLU A 183 6.52 -6.97 -19.28
CA GLU A 183 5.32 -7.44 -19.95
C GLU A 183 5.41 -7.09 -21.43
N PRO A 184 5.62 -8.09 -22.33
CA PRO A 184 5.84 -7.80 -23.74
C PRO A 184 4.55 -7.30 -24.40
N PRO A 185 4.63 -6.58 -25.53
CA PRO A 185 3.43 -6.18 -26.27
C PRO A 185 2.71 -7.35 -26.94
N LYS A 186 1.37 -7.32 -26.93
CA LYS A 186 0.55 -8.12 -27.83
C LYS A 186 0.37 -7.33 -29.11
N THR A 187 0.76 -7.90 -30.27
CA THR A 187 0.84 -7.10 -31.48
C THR A 187 -0.09 -7.68 -32.54
N HIS A 188 -0.61 -6.81 -33.40
CA HIS A 188 -1.37 -7.24 -34.56
C HIS A 188 -1.43 -6.10 -35.56
N VAL A 189 -1.79 -6.43 -36.81
CA VAL A 189 -2.03 -5.44 -37.85
C VAL A 189 -3.52 -5.41 -38.23
N THR A 190 -4.00 -4.19 -38.49
CA THR A 190 -5.34 -3.96 -39.04
C THR A 190 -5.17 -3.38 -40.42
N HIS A 191 -6.21 -3.53 -41.26
CA HIS A 191 -6.14 -3.18 -42.66
C HIS A 191 -7.48 -2.58 -43.06
N HIS A 192 -7.45 -1.37 -43.61
CA HIS A 192 -8.67 -0.72 -44.02
C HIS A 192 -8.46 0.01 -45.33
N PRO A 193 -9.17 -0.34 -46.42
CA PRO A 193 -9.10 0.43 -47.66
C PRO A 193 -9.48 1.91 -47.46
N ILE A 194 -8.77 2.79 -48.14
CA ILE A 194 -8.99 4.22 -48.01
C ILE A 194 -9.31 4.89 -49.35
N SER A 195 -8.98 4.25 -50.46
CA SER A 195 -9.41 4.76 -51.76
C SER A 195 -9.50 3.55 -52.68
N ASP A 196 -9.75 3.78 -53.98
CA ASP A 196 -9.84 2.70 -54.95
C ASP A 196 -8.48 2.01 -55.16
N HIS A 197 -7.40 2.57 -54.63
CA HIS A 197 -6.10 1.99 -54.93
C HIS A 197 -5.16 2.02 -53.72
N GLU A 198 -5.67 2.36 -52.52
CA GLU A 198 -4.81 2.42 -51.34
C GLU A 198 -5.54 1.92 -50.09
N ALA A 199 -4.74 1.46 -49.11
CA ALA A 199 -5.21 0.98 -47.82
C ALA A 199 -4.30 1.47 -46.69
N THR A 200 -4.88 1.59 -45.48
CA THR A 200 -4.13 1.86 -44.26
C THR A 200 -3.73 0.52 -43.64
N LEU A 201 -2.45 0.38 -43.30
CA LEU A 201 -2.02 -0.66 -42.40
C LEU A 201 -1.68 -0.03 -41.05
N ARG A 202 -2.23 -0.58 -39.97
CA ARG A 202 -1.95 -0.05 -38.64
C ARG A 202 -1.39 -1.18 -37.79
N CYS A 203 -0.19 -0.96 -37.23
CA CYS A 203 0.49 -1.94 -36.42
C CYS A 203 0.29 -1.58 -34.95
N TRP A 204 -0.31 -2.48 -34.18
CA TRP A 204 -0.68 -2.21 -32.80
C TRP A 204 0.25 -2.93 -31.84
N ALA A 205 0.64 -2.23 -30.76
CA ALA A 205 1.29 -2.87 -29.63
C ALA A 205 0.49 -2.53 -28.37
N LEU A 206 0.04 -3.55 -27.65
CA LEU A 206 -0.89 -3.39 -26.54
C LEU A 206 -0.38 -4.15 -25.32
N GLY A 207 -0.60 -3.56 -24.14
CA GLY A 207 -0.50 -4.31 -22.91
C GLY A 207 0.95 -4.45 -22.41
N PHE A 208 1.85 -3.56 -22.83
CA PHE A 208 3.26 -3.71 -22.51
C PHE A 208 3.69 -2.84 -21.33
N TYR A 209 4.74 -3.30 -20.65
CA TYR A 209 5.38 -2.56 -19.57
C TYR A 209 6.85 -2.99 -19.56
N PRO A 210 7.85 -2.09 -19.48
CA PRO A 210 7.66 -0.64 -19.37
C PRO A 210 7.25 0.08 -20.66
N ALA A 211 7.18 1.41 -20.60
CA ALA A 211 6.61 2.20 -21.68
C ALA A 211 7.52 2.26 -22.90
N GLU A 212 8.84 2.19 -22.68
CA GLU A 212 9.79 2.35 -23.77
C GLU A 212 9.51 1.27 -24.82
N ILE A 213 9.39 1.67 -26.09
CA ILE A 213 9.15 0.74 -27.18
C ILE A 213 9.59 1.41 -28.49
N THR A 214 9.95 0.60 -29.48
CA THR A 214 10.15 1.11 -30.82
C THR A 214 9.22 0.35 -31.76
N LEU A 215 8.36 1.09 -32.48
CA LEU A 215 7.48 0.57 -33.50
C LEU A 215 7.88 1.24 -34.81
N THR A 216 8.25 0.46 -35.83
CA THR A 216 8.59 1.04 -37.12
C THR A 216 7.96 0.22 -38.24
N TRP A 217 7.67 0.88 -39.36
CA TRP A 217 7.33 0.20 -40.61
C TRP A 217 8.51 0.29 -41.57
N GLN A 218 8.80 -0.83 -42.23
CA GLN A 218 9.77 -0.89 -43.32
C GLN A 218 9.06 -1.28 -44.61
N GLN A 219 9.58 -0.80 -45.73
CA GLN A 219 9.10 -1.14 -47.08
C GLN A 219 10.22 -1.86 -47.80
N ASP A 220 9.97 -3.12 -48.21
CA ASP A 220 10.99 -3.94 -48.83
C ASP A 220 12.23 -4.05 -47.94
N GLY A 221 12.07 -4.01 -46.61
CA GLY A 221 13.19 -4.13 -45.69
C GLY A 221 14.04 -2.85 -45.56
N GLU A 222 13.46 -1.67 -45.84
CA GLU A 222 14.20 -0.43 -45.69
C GLU A 222 13.34 0.61 -44.96
N GLY A 223 14.02 1.63 -44.41
CA GLY A 223 13.40 2.67 -43.60
C GLY A 223 12.24 3.38 -44.30
N HIS A 224 11.21 3.72 -43.51
CA HIS A 224 9.98 4.31 -44.04
C HIS A 224 9.43 5.32 -43.04
N THR A 225 10.35 5.95 -42.29
CA THR A 225 10.02 6.83 -41.18
C THR A 225 9.18 8.01 -41.64
N GLN A 226 9.55 8.61 -42.78
CA GLN A 226 8.92 9.83 -43.28
C GLN A 226 7.43 9.59 -43.56
N ASP A 227 7.06 8.36 -43.96
CA ASP A 227 5.71 8.09 -44.39
C ASP A 227 4.91 7.32 -43.31
N THR A 228 5.38 7.31 -42.06
CA THR A 228 4.70 6.58 -41.00
C THR A 228 3.96 7.55 -40.09
N GLU A 229 2.71 7.24 -39.73
CA GLU A 229 2.02 8.02 -38.71
C GLU A 229 2.10 7.25 -37.37
N LEU A 230 2.64 7.93 -36.34
CA LEU A 230 2.92 7.34 -35.03
C LEU A 230 2.09 8.09 -33.98
N VAL A 231 1.40 7.39 -33.09
CA VAL A 231 0.81 8.09 -31.95
C VAL A 231 1.78 8.01 -30.78
N GLU A 232 1.63 8.97 -29.86
CA GLU A 232 2.37 8.97 -28.59
C GLU A 232 1.94 7.74 -27.78
N THR A 233 2.93 7.12 -27.12
CA THR A 233 2.69 6.04 -26.18
C THR A 233 1.70 6.52 -25.12
N ARG A 234 0.68 5.72 -24.87
CA ARG A 234 -0.43 6.15 -24.05
C ARG A 234 -0.72 5.08 -23.01
N PRO A 235 -1.20 5.46 -21.80
CA PRO A 235 -1.52 4.50 -20.75
C PRO A 235 -2.82 3.74 -21.01
N ALA A 236 -2.81 2.43 -20.75
CA ALA A 236 -4.01 1.61 -20.90
C ALA A 236 -4.96 1.83 -19.72
N GLY A 237 -4.39 2.25 -18.58
CA GLY A 237 -5.16 2.51 -17.37
C GLY A 237 -5.00 1.39 -16.33
N ASP A 238 -4.34 0.28 -16.70
CA ASP A 238 -4.14 -0.84 -15.80
C ASP A 238 -2.66 -0.99 -15.45
N GLY A 239 -1.84 0.02 -15.78
CA GLY A 239 -0.42 -0.04 -15.53
C GLY A 239 0.39 -0.48 -16.75
N THR A 240 -0.26 -0.81 -17.88
CA THR A 240 0.43 -1.11 -19.12
C THR A 240 0.21 0.01 -20.12
N PHE A 241 0.89 -0.06 -21.28
CA PHE A 241 0.89 1.03 -22.25
C PHE A 241 0.47 0.50 -23.62
N GLN A 242 0.15 1.42 -24.52
CA GLN A 242 -0.22 1.08 -25.88
C GLN A 242 0.43 2.06 -26.84
N LYS A 243 0.59 1.60 -28.08
CA LYS A 243 1.06 2.47 -29.16
C LYS A 243 0.63 1.85 -30.49
N TRP A 244 0.51 2.68 -31.51
CA TRP A 244 0.38 2.17 -32.86
C TRP A 244 1.10 3.07 -33.85
N ALA A 245 1.34 2.50 -35.03
CA ALA A 245 2.02 3.13 -36.16
C ALA A 245 1.27 2.72 -37.43
N ALA A 246 1.00 3.68 -38.32
CA ALA A 246 0.23 3.38 -39.53
C ALA A 246 0.94 3.94 -40.77
N VAL A 247 0.75 3.23 -41.90
CA VAL A 247 1.28 3.64 -43.17
C VAL A 247 0.13 3.48 -44.18
N VAL A 248 0.15 4.29 -45.24
CA VAL A 248 -0.79 4.15 -46.32
C VAL A 248 -0.05 3.57 -47.51
N VAL A 249 -0.56 2.46 -48.06
CA VAL A 249 0.16 1.69 -49.05
C VAL A 249 -0.74 1.41 -50.24
N PRO A 250 -0.13 1.16 -51.42
CA PRO A 250 -0.91 0.74 -52.59
C PRO A 250 -1.57 -0.61 -52.34
N SER A 251 -2.86 -0.71 -52.73
CA SER A 251 -3.56 -1.98 -52.68
C SER A 251 -2.84 -3.02 -53.54
N GLY A 252 -2.65 -4.24 -53.00
CA GLY A 252 -1.96 -5.31 -53.70
C GLY A 252 -0.48 -5.42 -53.31
N GLU A 253 0.02 -4.42 -52.55
CA GLU A 253 1.42 -4.35 -52.16
C GLU A 253 1.59 -4.49 -50.64
N GLU A 254 0.52 -4.78 -49.90
CA GLU A 254 0.61 -4.85 -48.45
C GLU A 254 1.76 -5.73 -47.96
N GLN A 255 2.02 -6.84 -48.67
CA GLN A 255 2.96 -7.85 -48.19
C GLN A 255 4.41 -7.36 -48.19
N ARG A 256 4.70 -6.26 -48.89
CA ARG A 256 6.04 -5.69 -48.94
C ARG A 256 6.34 -4.77 -47.76
N TYR A 257 5.37 -4.54 -46.85
CA TYR A 257 5.56 -3.67 -45.69
C TYR A 257 5.58 -4.53 -44.43
N THR A 258 6.59 -4.31 -43.57
CA THR A 258 6.76 -5.08 -42.36
C THR A 258 6.78 -4.14 -41.16
N CYS A 259 6.07 -4.51 -40.08
CA CYS A 259 6.09 -3.75 -38.83
C CYS A 259 7.09 -4.39 -37.87
N HIS A 260 7.97 -3.57 -37.28
CA HIS A 260 9.06 -4.05 -36.44
C HIS A 260 8.88 -3.50 -35.02
N VAL A 261 8.90 -4.40 -34.05
CA VAL A 261 8.60 -4.06 -32.66
C VAL A 261 9.80 -4.46 -31.81
N GLN A 262 10.35 -3.49 -31.08
CA GLN A 262 11.40 -3.73 -30.10
C GLN A 262 10.89 -3.32 -28.73
N HIS A 263 11.06 -4.23 -27.77
CA HIS A 263 10.66 -4.01 -26.39
C HIS A 263 11.47 -4.96 -25.50
N GLU A 264 11.84 -4.48 -24.30
CA GLU A 264 12.69 -5.23 -23.39
C GLU A 264 12.07 -6.57 -23.03
N GLY A 265 10.72 -6.66 -23.10
CA GLY A 265 10.01 -7.87 -22.70
C GLY A 265 10.01 -8.95 -23.78
N LEU A 266 10.47 -8.63 -24.98
CA LEU A 266 10.45 -9.61 -26.06
C LEU A 266 11.75 -10.40 -26.03
N PRO A 267 11.71 -11.75 -26.13
CA PRO A 267 12.93 -12.55 -26.28
C PRO A 267 13.78 -12.03 -27.44
N GLU A 268 13.09 -11.66 -28.54
CA GLU A 268 13.72 -11.17 -29.75
C GLU A 268 12.81 -10.10 -30.38
N PRO A 269 13.35 -9.08 -31.11
CA PRO A 269 12.49 -8.16 -31.87
C PRO A 269 11.50 -8.96 -32.72
N VAL A 270 10.26 -8.45 -32.84
CA VAL A 270 9.19 -9.11 -33.58
C VAL A 270 8.98 -8.36 -34.90
N THR A 271 8.54 -9.11 -35.94
CA THR A 271 8.09 -8.51 -37.19
C THR A 271 6.72 -9.08 -37.52
N LEU A 272 5.85 -8.24 -38.06
CA LEU A 272 4.49 -8.66 -38.42
C LEU A 272 4.20 -8.08 -39.80
N ARG A 273 3.33 -8.77 -40.54
CA ARG A 273 2.86 -8.25 -41.81
C ARG A 273 1.39 -8.59 -41.99
N TRP A 274 0.77 -7.91 -42.95
CA TRP A 274 -0.55 -8.29 -43.48
C TRP A 274 -0.43 -9.21 -44.71
N MET B 1 3.37 33.02 -19.10
CA MET B 1 2.73 33.34 -20.40
C MET B 1 2.83 32.17 -21.38
N ILE B 2 3.81 31.27 -21.18
CA ILE B 2 3.87 29.99 -21.87
C ILE B 2 2.56 29.25 -21.66
N GLN B 3 1.79 29.08 -22.74
CA GLN B 3 0.66 28.17 -22.76
C GLN B 3 0.92 27.10 -23.81
N ARG B 4 0.50 25.88 -23.53
CA ARG B 4 0.61 24.80 -24.49
C ARG B 4 -0.72 24.09 -24.59
N THR B 5 -1.17 23.86 -25.84
CA THR B 5 -2.47 23.25 -26.10
C THR B 5 -2.39 21.76 -25.78
N PRO B 6 -3.43 21.15 -25.18
CA PRO B 6 -3.45 19.71 -24.94
C PRO B 6 -3.53 18.88 -26.22
N LYS B 7 -2.74 17.82 -26.25
CA LYS B 7 -2.91 16.71 -27.17
C LYS B 7 -3.93 15.76 -26.55
N ILE B 8 -4.82 15.18 -27.36
CA ILE B 8 -5.92 14.37 -26.87
C ILE B 8 -5.95 13.07 -27.65
N GLN B 9 -6.00 11.95 -26.93
CA GLN B 9 -6.28 10.66 -27.51
C GLN B 9 -7.45 10.03 -26.78
N VAL B 10 -8.41 9.47 -27.54
CA VAL B 10 -9.57 8.82 -26.98
C VAL B 10 -9.52 7.36 -27.43
N TYR B 11 -9.65 6.42 -26.50
CA TYR B 11 -9.43 5.05 -26.88
C TYR B 11 -9.88 4.14 -25.76
N SER B 12 -9.97 2.85 -26.07
CA SER B 12 -10.38 1.81 -25.16
C SER B 12 -9.16 1.13 -24.53
N ARG B 13 -9.34 0.60 -23.32
CA ARG B 13 -8.29 -0.14 -22.64
C ARG B 13 -7.94 -1.42 -23.41
N HIS B 14 -8.96 -2.11 -23.93
CA HIS B 14 -8.80 -3.33 -24.71
C HIS B 14 -9.49 -3.17 -26.07
N PRO B 15 -9.13 -3.97 -27.10
CA PRO B 15 -9.89 -3.95 -28.35
C PRO B 15 -11.38 -4.11 -28.07
N ALA B 16 -12.18 -3.21 -28.64
CA ALA B 16 -13.57 -3.10 -28.30
C ALA B 16 -14.34 -4.29 -28.88
N GLU B 17 -15.04 -5.01 -28.01
CA GLU B 17 -15.98 -6.02 -28.45
C GLU B 17 -17.39 -5.62 -28.01
N ASN B 18 -18.29 -5.41 -28.97
CA ASN B 18 -19.63 -4.96 -28.67
C ASN B 18 -20.29 -5.89 -27.67
N GLY B 19 -20.91 -5.32 -26.63
CA GLY B 19 -21.55 -6.11 -25.60
C GLY B 19 -20.62 -6.53 -24.46
N LYS B 20 -19.31 -6.23 -24.55
CA LYS B 20 -18.38 -6.63 -23.51
C LYS B 20 -17.84 -5.41 -22.79
N SER B 21 -17.82 -5.48 -21.45
CA SER B 21 -17.35 -4.42 -20.58
C SER B 21 -15.87 -4.13 -20.85
N ASN B 22 -15.51 -2.85 -20.69
CA ASN B 22 -14.24 -2.31 -21.14
C ASN B 22 -14.05 -1.01 -20.35
N PHE B 23 -13.00 -0.26 -20.68
CA PHE B 23 -12.77 1.06 -20.11
C PHE B 23 -12.56 2.06 -21.25
N LEU B 24 -13.22 3.22 -21.14
CA LEU B 24 -13.05 4.30 -22.09
C LEU B 24 -12.03 5.30 -21.50
N ASN B 25 -10.99 5.56 -22.27
CA ASN B 25 -9.92 6.45 -21.84
C ASN B 25 -9.88 7.73 -22.66
N CYS B 26 -9.60 8.85 -21.96
CA CYS B 26 -9.22 10.09 -22.60
C CYS B 26 -7.91 10.60 -21.98
N TYR B 27 -6.85 10.54 -22.78
CA TYR B 27 -5.52 10.92 -22.33
C TYR B 27 -5.22 12.31 -22.87
N VAL B 28 -4.94 13.24 -21.97
CA VAL B 28 -4.61 14.61 -22.35
C VAL B 28 -3.18 14.88 -21.90
N SER B 29 -2.36 15.45 -22.80
CA SER B 29 -0.95 15.61 -22.52
C SER B 29 -0.39 16.84 -23.22
N GLY B 30 0.78 17.27 -22.77
CA GLY B 30 1.49 18.32 -23.45
C GLY B 30 0.90 19.71 -23.21
N PHE B 31 0.14 19.90 -22.11
CA PHE B 31 -0.58 21.15 -21.92
C PHE B 31 -0.01 21.95 -20.75
N HIS B 32 -0.28 23.27 -20.80
CA HIS B 32 0.12 24.18 -19.74
C HIS B 32 -0.77 25.42 -19.91
N PRO B 33 -1.34 26.01 -18.84
CA PRO B 33 -1.20 25.52 -17.45
C PRO B 33 -2.03 24.28 -17.12
N SER B 34 -2.02 23.87 -15.84
CA SER B 34 -2.53 22.58 -15.42
C SER B 34 -4.05 22.55 -15.32
N ASP B 35 -4.70 23.70 -15.14
CA ASP B 35 -6.15 23.75 -14.99
C ASP B 35 -6.81 23.24 -16.26
N ILE B 36 -7.60 22.18 -16.15
CA ILE B 36 -8.23 21.57 -17.31
C ILE B 36 -9.48 20.85 -16.84
N GLU B 37 -10.45 20.68 -17.75
CA GLU B 37 -11.60 19.83 -17.49
C GLU B 37 -11.73 18.86 -18.66
N VAL B 38 -11.99 17.61 -18.29
CA VAL B 38 -12.14 16.55 -19.27
C VAL B 38 -13.40 15.77 -18.92
N ASP B 39 -14.30 15.67 -19.88
CA ASP B 39 -15.56 14.96 -19.65
C ASP B 39 -15.65 13.88 -20.73
N LEU B 40 -16.18 12.70 -20.34
CA LEU B 40 -16.50 11.65 -21.28
C LEU B 40 -18.00 11.71 -21.56
N LEU B 41 -18.35 11.56 -22.84
CA LEU B 41 -19.72 11.71 -23.31
C LEU B 41 -20.19 10.40 -23.92
N LYS B 42 -21.45 10.05 -23.62
CA LYS B 42 -22.16 8.95 -24.24
C LYS B 42 -23.39 9.51 -24.96
N ASN B 43 -23.40 9.38 -26.29
CA ASN B 43 -24.48 9.91 -27.11
C ASN B 43 -24.68 11.38 -26.81
N GLY B 44 -23.57 12.10 -26.60
CA GLY B 44 -23.59 13.54 -26.43
C GLY B 44 -23.81 14.01 -25.00
N GLU B 45 -23.99 13.08 -24.05
CA GLU B 45 -24.33 13.43 -22.67
C GLU B 45 -23.22 13.02 -21.72
N ARG B 46 -22.91 13.92 -20.78
CA ARG B 46 -21.77 13.78 -19.92
C ARG B 46 -21.99 12.60 -18.96
N ILE B 47 -20.98 11.72 -18.91
CA ILE B 47 -21.00 10.57 -18.03
C ILE B 47 -20.67 11.07 -16.63
N GLU B 48 -21.46 10.66 -15.64
CA GLU B 48 -21.45 11.29 -14.33
C GLU B 48 -20.25 10.84 -13.50
N LYS B 49 -19.92 9.55 -13.54
CA LYS B 49 -18.87 9.01 -12.68
C LYS B 49 -17.63 8.71 -13.52
N VAL B 50 -16.67 9.64 -13.49
CA VAL B 50 -15.44 9.50 -14.25
C VAL B 50 -14.28 9.69 -13.27
N GLU B 51 -13.22 8.91 -13.44
CA GLU B 51 -12.06 9.04 -12.57
C GLU B 51 -10.87 9.53 -13.38
N HIS B 52 -9.84 10.00 -12.68
CA HIS B 52 -8.65 10.45 -13.38
C HIS B 52 -7.40 10.18 -12.55
N SER B 53 -6.26 10.15 -13.25
CA SER B 53 -4.96 9.95 -12.64
C SER B 53 -4.51 11.22 -11.92
N ASP B 54 -3.48 11.10 -11.09
CA ASP B 54 -2.90 12.25 -10.42
C ASP B 54 -2.08 13.07 -11.41
N LEU B 55 -2.24 14.39 -11.37
CA LEU B 55 -1.49 15.30 -12.23
C LEU B 55 0.01 15.04 -12.12
N SER B 56 0.63 14.85 -13.29
CA SER B 56 2.06 14.68 -13.38
C SER B 56 2.55 15.48 -14.59
N PHE B 57 3.86 15.49 -14.81
CA PHE B 57 4.37 16.23 -15.95
C PHE B 57 5.65 15.58 -16.48
N SER B 58 5.97 15.99 -17.71
CA SER B 58 7.10 15.49 -18.47
C SER B 58 8.32 16.38 -18.25
N LYS B 59 9.45 15.98 -18.84
CA LYS B 59 10.72 16.68 -18.70
C LYS B 59 10.62 18.10 -19.27
N ASP B 60 9.74 18.31 -20.25
CA ASP B 60 9.56 19.64 -20.83
C ASP B 60 8.58 20.50 -20.02
N TRP B 61 8.10 19.98 -18.88
CA TRP B 61 7.23 20.65 -17.91
C TRP B 61 5.75 20.54 -18.25
N SER B 62 5.39 19.99 -19.42
CA SER B 62 3.99 19.89 -19.80
C SER B 62 3.28 18.80 -19.02
N PHE B 63 2.00 19.05 -18.71
CA PHE B 63 1.19 18.17 -17.89
C PHE B 63 0.52 17.04 -18.69
N TYR B 64 0.23 15.94 -18.00
CA TYR B 64 -0.54 14.85 -18.59
C TYR B 64 -1.46 14.23 -17.52
N LEU B 65 -2.64 13.78 -17.97
CA LEU B 65 -3.71 13.21 -17.16
C LEU B 65 -4.41 12.14 -17.97
N LEU B 66 -4.84 11.06 -17.29
CA LEU B 66 -5.74 10.08 -17.87
C LEU B 66 -7.10 10.18 -17.17
N TYR B 67 -8.16 10.35 -17.95
CA TYR B 67 -9.53 10.23 -17.48
C TYR B 67 -10.13 8.95 -18.05
N TYR B 68 -10.92 8.25 -17.24
CA TYR B 68 -11.40 6.94 -17.66
C TYR B 68 -12.71 6.61 -16.93
N THR B 69 -13.49 5.73 -17.55
CA THR B 69 -14.74 5.24 -17.00
C THR B 69 -15.03 3.88 -17.63
N GLU B 70 -15.74 3.05 -16.86
CA GLU B 70 -16.24 1.78 -17.35
C GLU B 70 -17.24 2.04 -18.47
N PHE B 71 -17.24 1.20 -19.50
CA PHE B 71 -18.23 1.35 -20.56
C PHE B 71 -18.38 0.00 -21.23
N THR B 72 -19.52 -0.19 -21.88
CA THR B 72 -19.78 -1.37 -22.67
C THR B 72 -20.12 -0.91 -24.08
N PRO B 73 -19.17 -0.95 -25.02
CA PRO B 73 -19.45 -0.49 -26.38
C PRO B 73 -20.56 -1.31 -27.04
N THR B 74 -21.29 -0.65 -27.95
CA THR B 74 -22.28 -1.27 -28.82
C THR B 74 -22.12 -0.67 -30.21
N GLU B 75 -22.82 -1.23 -31.20
CA GLU B 75 -22.78 -0.68 -32.55
C GLU B 75 -23.39 0.73 -32.56
N LYS B 76 -24.44 0.96 -31.76
CA LYS B 76 -25.25 2.15 -31.91
C LYS B 76 -24.76 3.31 -31.05
N ASP B 77 -24.06 3.05 -29.92
CA ASP B 77 -23.74 4.13 -29.00
C ASP B 77 -22.47 4.85 -29.47
N GLU B 78 -22.47 6.19 -29.35
CA GLU B 78 -21.33 7.01 -29.71
C GLU B 78 -20.67 7.55 -28.44
N TYR B 79 -19.35 7.51 -28.39
CA TYR B 79 -18.61 8.03 -27.25
C TYR B 79 -17.65 9.09 -27.72
N ALA B 80 -17.30 9.99 -26.80
CA ALA B 80 -16.43 11.11 -27.12
C ALA B 80 -15.82 11.64 -25.83
N CYS B 81 -14.78 12.45 -26.02
CA CYS B 81 -14.14 13.18 -24.94
C CYS B 81 -14.28 14.67 -25.22
N ARG B 82 -14.63 15.46 -24.19
CA ARG B 82 -14.73 16.92 -24.26
C ARG B 82 -13.67 17.55 -23.36
N VAL B 83 -12.78 18.36 -23.95
CA VAL B 83 -11.71 19.00 -23.20
C VAL B 83 -11.92 20.50 -23.14
N ASN B 84 -11.81 21.04 -21.92
CA ASN B 84 -11.93 22.46 -21.64
C ASN B 84 -10.57 22.95 -21.17
N HIS B 85 -9.92 23.84 -21.91
CA HIS B 85 -8.64 24.43 -21.51
C HIS B 85 -8.54 25.85 -22.07
N VAL B 86 -7.70 26.66 -21.42
CA VAL B 86 -7.54 28.06 -21.76
C VAL B 86 -7.02 28.25 -23.19
N THR B 87 -6.21 27.31 -23.72
CA THR B 87 -5.64 27.44 -25.05
C THR B 87 -6.65 27.19 -26.18
N LEU B 88 -7.82 26.63 -25.84
CA LEU B 88 -8.81 26.23 -26.85
C LEU B 88 -9.82 27.35 -27.11
N SER B 89 -10.27 27.47 -28.36
CA SER B 89 -11.23 28.53 -28.70
C SER B 89 -12.59 28.26 -28.06
N GLN B 90 -12.95 26.97 -27.97
CA GLN B 90 -14.11 26.50 -27.25
C GLN B 90 -13.84 25.05 -26.89
N PRO B 91 -14.58 24.45 -25.94
CA PRO B 91 -14.36 23.04 -25.59
C PRO B 91 -14.27 22.16 -26.83
N LYS B 92 -13.25 21.29 -26.86
CA LYS B 92 -13.00 20.48 -28.04
C LYS B 92 -13.52 19.08 -27.81
N ILE B 93 -14.31 18.58 -28.78
CA ILE B 93 -14.91 17.27 -28.70
C ILE B 93 -14.14 16.35 -29.63
N VAL B 94 -13.59 15.23 -29.11
CA VAL B 94 -12.88 14.25 -29.90
C VAL B 94 -13.65 12.94 -29.82
N LYS B 95 -14.11 12.43 -30.97
CA LYS B 95 -14.93 11.23 -31.00
C LYS B 95 -14.06 9.98 -30.82
N TRP B 96 -14.59 8.98 -30.14
CA TRP B 96 -13.96 7.69 -30.06
C TRP B 96 -14.11 6.94 -31.37
N ASP B 97 -12.98 6.47 -31.91
CA ASP B 97 -12.96 5.64 -33.10
C ASP B 97 -12.19 4.39 -32.69
N ARG B 98 -12.88 3.26 -32.75
CA ARG B 98 -12.34 2.02 -32.21
C ARG B 98 -11.13 1.53 -33.02
N ASP B 99 -10.85 2.15 -34.16
CA ASP B 99 -9.69 1.78 -34.96
C ASP B 99 -8.49 2.70 -34.72
N MET B 100 -8.53 3.55 -33.66
CA MET B 100 -7.45 4.49 -33.39
C MET B 100 -7.08 4.56 -31.88
N GLY C 1 12.16 -10.38 21.55
CA GLY C 1 11.04 -10.53 20.61
C GLY C 1 11.28 -11.68 19.65
N SER C 2 11.33 -11.36 18.36
CA SER C 2 11.41 -12.36 17.30
C SER C 2 12.78 -13.01 17.30
N HIS C 3 12.82 -14.27 16.84
CA HIS C 3 14.07 -14.93 16.45
C HIS C 3 13.86 -15.64 15.13
N SER C 4 14.97 -15.97 14.46
CA SER C 4 14.87 -16.69 13.21
C SER C 4 16.06 -17.65 13.07
N LEU C 5 15.78 -18.77 12.40
CA LEU C 5 16.80 -19.70 11.93
C LEU C 5 16.73 -19.71 10.40
N LYS C 6 17.86 -19.40 9.76
CA LYS C 6 17.91 -19.15 8.32
C LYS C 6 19.18 -19.76 7.72
N TYR C 7 19.07 -20.25 6.49
CA TYR C 7 20.24 -20.76 5.78
C TYR C 7 20.32 -20.12 4.40
N PHE C 8 21.56 -19.92 3.92
CA PHE C 8 21.82 -19.39 2.60
C PHE C 8 22.73 -20.36 1.85
N HIS C 9 22.28 -20.84 0.69
CA HIS C 9 22.97 -21.87 -0.09
C HIS C 9 23.30 -21.31 -1.46
N THR C 10 24.59 -21.39 -1.87
CA THR C 10 25.04 -20.93 -3.17
C THR C 10 25.82 -22.04 -3.90
N SER C 11 25.45 -22.35 -5.14
CA SER C 11 26.23 -23.22 -6.01
C SER C 11 26.58 -22.46 -7.29
N VAL C 12 27.85 -22.55 -7.70
CA VAL C 12 28.33 -21.81 -8.87
C VAL C 12 29.08 -22.80 -9.77
N SER C 13 28.59 -22.98 -11.00
CA SER C 13 29.25 -23.86 -11.95
C SER C 13 30.56 -23.22 -12.39
N ARG C 14 31.51 -24.07 -12.80
CA ARG C 14 32.81 -23.65 -13.29
C ARG C 14 33.23 -24.61 -14.40
N PRO C 15 32.57 -24.55 -15.57
CA PRO C 15 32.76 -25.59 -16.59
C PRO C 15 34.22 -25.77 -16.98
N GLY C 16 34.65 -27.04 -16.96
CA GLY C 16 36.00 -27.41 -17.33
C GLY C 16 36.97 -27.32 -16.14
N ARG C 17 36.53 -26.73 -15.03
CA ARG C 17 37.42 -26.42 -13.92
C ARG C 17 36.99 -27.16 -12.65
N GLY C 18 36.24 -28.25 -12.81
CA GLY C 18 35.83 -29.08 -11.69
C GLY C 18 34.32 -28.99 -11.42
N GLU C 19 33.90 -29.56 -10.30
CA GLU C 19 32.50 -29.55 -9.93
C GLU C 19 32.13 -28.17 -9.43
N PRO C 20 30.82 -27.85 -9.39
CA PRO C 20 30.35 -26.56 -8.86
C PRO C 20 30.84 -26.34 -7.44
N ARG C 21 31.20 -25.10 -7.14
CA ARG C 21 31.51 -24.63 -5.80
C ARG C 21 30.20 -24.46 -5.04
N PHE C 22 30.03 -25.20 -3.95
CA PHE C 22 28.84 -25.16 -3.12
C PHE C 22 29.23 -24.72 -1.71
N ILE C 23 28.45 -23.78 -1.17
CA ILE C 23 28.59 -23.38 0.22
C ILE C 23 27.20 -23.09 0.79
N SER C 24 27.00 -23.54 2.03
CA SER C 24 25.81 -23.19 2.81
C SER C 24 26.25 -22.60 4.14
N VAL C 25 25.52 -21.57 4.58
CA VAL C 25 25.79 -20.94 5.86
C VAL C 25 24.45 -20.83 6.60
N GLY C 26 24.51 -21.11 7.90
CA GLY C 26 23.36 -21.03 8.78
C GLY C 26 23.54 -19.86 9.75
N TYR C 27 22.42 -19.18 10.04
CA TYR C 27 22.37 -18.06 10.97
C TYR C 27 21.22 -18.29 11.94
N VAL C 28 21.45 -17.92 13.20
CA VAL C 28 20.36 -17.64 14.11
C VAL C 28 20.39 -16.13 14.34
N ASP C 29 19.33 -15.44 13.93
CA ASP C 29 19.29 -13.98 13.96
C ASP C 29 20.44 -13.45 13.09
N ASP C 30 21.32 -12.62 13.65
CA ASP C 30 22.42 -12.04 12.91
C ASP C 30 23.73 -12.79 13.22
N THR C 31 23.65 -14.00 13.81
CA THR C 31 24.85 -14.72 14.24
C THR C 31 25.01 -15.99 13.41
N GLN C 32 26.11 -16.09 12.66
CA GLN C 32 26.37 -17.31 11.91
C GLN C 32 26.80 -18.41 12.89
N PHE C 33 26.40 -19.66 12.63
CA PHE C 33 26.72 -20.73 13.56
C PHE C 33 27.24 -22.00 12.87
N VAL C 34 27.03 -22.16 11.56
CA VAL C 34 27.55 -23.31 10.84
C VAL C 34 27.92 -22.90 9.42
N ARG C 35 28.76 -23.72 8.77
CA ARG C 35 28.95 -23.62 7.34
C ARG C 35 29.37 -24.98 6.78
N PHE C 36 29.07 -25.16 5.49
CA PHE C 36 29.53 -26.29 4.70
C PHE C 36 30.05 -25.75 3.38
N ASP C 37 31.30 -26.12 3.05
CA ASP C 37 31.96 -25.61 1.86
C ASP C 37 32.70 -26.77 1.20
N ASN C 38 32.33 -27.11 -0.03
CA ASN C 38 32.82 -28.34 -0.65
C ASN C 38 34.04 -28.09 -1.52
N ASP C 39 34.62 -26.88 -1.48
CA ASP C 39 35.88 -26.61 -2.17
C ASP C 39 37.03 -27.11 -1.31
N ALA C 40 37.08 -28.44 -1.16
CA ALA C 40 37.88 -29.10 -0.14
C ALA C 40 37.65 -30.60 -0.31
N ALA C 41 38.70 -31.41 -0.05
CA ALA C 41 38.73 -32.80 -0.43
C ALA C 41 37.61 -33.59 0.26
N SER C 42 37.49 -33.42 1.58
CA SER C 42 36.55 -34.19 2.38
C SER C 42 35.67 -33.22 3.17
N PRO C 43 34.68 -32.58 2.52
CA PRO C 43 34.02 -31.40 3.08
C PRO C 43 32.99 -31.83 4.11
N ARG C 44 32.94 -31.10 5.23
CA ARG C 44 31.98 -31.41 6.27
C ARG C 44 31.33 -30.14 6.79
N MET C 45 30.13 -30.29 7.36
CA MET C 45 29.51 -29.20 8.10
C MET C 45 30.34 -28.99 9.36
N VAL C 46 30.62 -27.71 9.67
CA VAL C 46 31.53 -27.37 10.74
C VAL C 46 30.90 -26.24 11.55
N PRO C 47 31.25 -26.14 12.84
CA PRO C 47 30.77 -25.03 13.68
C PRO C 47 31.46 -23.72 13.31
N ARG C 48 30.69 -22.62 13.39
CA ARG C 48 31.22 -21.27 13.21
C ARG C 48 30.77 -20.34 14.34
N ALA C 49 30.31 -20.91 15.44
CA ALA C 49 30.07 -20.17 16.66
C ALA C 49 30.51 -21.02 17.85
N PRO C 50 31.03 -20.40 18.93
CA PRO C 50 31.66 -21.17 20.02
C PRO C 50 30.69 -22.12 20.70
N TRP C 51 29.41 -21.75 20.73
CA TRP C 51 28.39 -22.54 21.40
C TRP C 51 27.99 -23.78 20.59
N MET C 52 28.57 -23.97 19.40
CA MET C 52 28.29 -25.15 18.60
C MET C 52 29.42 -26.17 18.71
N GLU C 53 30.52 -25.80 19.39
CA GLU C 53 31.71 -26.61 19.45
C GLU C 53 31.50 -27.84 20.36
N GLN C 54 30.41 -27.83 21.12
CA GLN C 54 30.11 -28.92 22.04
C GLN C 54 29.35 -30.04 21.32
N GLU C 55 28.85 -29.80 20.10
CA GLU C 55 28.01 -30.77 19.41
C GLU C 55 28.78 -32.06 19.14
N GLY C 56 28.09 -33.19 19.32
CA GLY C 56 28.70 -34.51 19.15
C GLY C 56 28.81 -34.88 17.68
N SER C 57 29.43 -36.04 17.42
CA SER C 57 29.73 -36.48 16.07
C SER C 57 28.46 -36.76 15.26
N GLU C 58 27.37 -37.17 15.93
CA GLU C 58 26.13 -37.53 15.27
C GLU C 58 25.51 -36.32 14.57
N TYR C 59 25.52 -35.17 15.26
CA TYR C 59 25.00 -33.93 14.68
C TYR C 59 25.74 -33.60 13.40
N TRP C 60 27.07 -33.59 13.45
CA TRP C 60 27.89 -33.20 12.31
C TRP C 60 27.82 -34.23 11.18
N ASP C 61 27.78 -35.54 11.50
CA ASP C 61 27.63 -36.56 10.47
C ASP C 61 26.34 -36.33 9.69
N ARG C 62 25.27 -35.96 10.40
CA ARG C 62 23.96 -35.83 9.77
C ARG C 62 23.89 -34.58 8.91
N GLU C 63 24.38 -33.45 9.45
CA GLU C 63 24.40 -32.21 8.70
C GLU C 63 25.30 -32.36 7.49
N THR C 64 26.43 -33.07 7.64
CA THR C 64 27.33 -33.30 6.51
C THR C 64 26.59 -34.06 5.41
N ARG C 65 25.95 -35.17 5.78
CA ARG C 65 25.17 -35.98 4.86
C ARG C 65 24.12 -35.12 4.15
N SER C 66 23.39 -34.29 4.92
CA SER C 66 22.34 -33.46 4.33
C SER C 66 22.92 -32.44 3.36
N ALA C 67 24.06 -31.84 3.73
CA ALA C 67 24.72 -30.83 2.93
C ALA C 67 25.24 -31.42 1.62
N ARG C 68 25.85 -32.61 1.70
CA ARG C 68 26.36 -33.26 0.49
C ARG C 68 25.23 -33.63 -0.45
N ASP C 69 24.11 -34.11 0.09
CA ASP C 69 22.95 -34.44 -0.73
C ASP C 69 22.43 -33.17 -1.41
N THR C 70 22.43 -32.06 -0.67
CA THR C 70 21.96 -30.80 -1.22
C THR C 70 22.89 -30.34 -2.35
N ALA C 71 24.20 -30.42 -2.15
CA ALA C 71 25.13 -29.98 -3.20
C ALA C 71 24.94 -30.82 -4.47
N GLN C 72 24.73 -32.12 -4.29
CA GLN C 72 24.46 -33.01 -5.42
C GLN C 72 23.20 -32.58 -6.18
N ILE C 73 22.12 -32.23 -5.46
CA ILE C 73 20.89 -31.79 -6.11
C ILE C 73 21.14 -30.46 -6.84
N PHE C 74 21.93 -29.56 -6.24
CA PHE C 74 22.19 -28.28 -6.87
C PHE C 74 22.95 -28.49 -8.18
N ARG C 75 23.91 -29.42 -8.17
CA ARG C 75 24.70 -29.70 -9.35
C ARG C 75 23.78 -30.16 -10.50
N VAL C 76 22.86 -31.07 -10.20
CA VAL C 76 21.92 -31.57 -11.19
C VAL C 76 21.01 -30.44 -11.66
N ASN C 77 20.59 -29.60 -10.71
CA ASN C 77 19.70 -28.47 -11.00
C ASN C 77 20.37 -27.52 -11.99
N LEU C 78 21.67 -27.26 -11.81
CA LEU C 78 22.43 -26.38 -12.70
C LEU C 78 22.47 -26.95 -14.11
N ARG C 79 22.67 -28.25 -14.25
CA ARG C 79 22.61 -28.89 -15.55
C ARG C 79 21.23 -28.67 -16.16
N THR C 80 20.18 -28.99 -15.39
CA THR C 80 18.81 -28.92 -15.88
C THR C 80 18.49 -27.51 -16.38
N LEU C 81 18.83 -26.51 -15.55
CA LEU C 81 18.46 -25.14 -15.85
C LEU C 81 19.14 -24.67 -17.13
N ARG C 82 20.42 -25.06 -17.32
CA ARG C 82 21.12 -24.76 -18.56
C ARG C 82 20.30 -25.27 -19.74
N GLY C 83 19.73 -26.47 -19.58
CA GLY C 83 18.89 -27.06 -20.61
C GLY C 83 17.59 -26.29 -20.83
N TYR C 84 16.91 -25.91 -19.75
CA TYR C 84 15.69 -25.15 -19.86
C TYR C 84 15.91 -23.88 -20.68
N TYR C 85 17.03 -23.18 -20.42
CA TYR C 85 17.27 -21.85 -20.99
C TYR C 85 18.17 -21.92 -22.22
N ASN C 86 18.45 -23.13 -22.72
CA ASN C 86 19.28 -23.37 -23.89
C ASN C 86 20.60 -22.60 -23.81
N GLN C 87 21.30 -22.72 -22.68
CA GLN C 87 22.55 -21.99 -22.47
C GLN C 87 23.72 -22.90 -22.80
N SER C 88 24.81 -22.29 -23.29
CA SER C 88 25.99 -23.02 -23.74
C SER C 88 26.69 -23.67 -22.55
N GLU C 89 27.49 -24.71 -22.81
CA GLU C 89 28.10 -25.47 -21.74
C GLU C 89 29.25 -24.70 -21.07
N ALA C 90 29.71 -23.61 -21.70
CA ALA C 90 30.93 -22.91 -21.30
C ALA C 90 30.70 -21.93 -20.15
N GLY C 91 29.48 -21.39 -20.01
CA GLY C 91 29.24 -20.30 -19.07
C GLY C 91 29.18 -20.76 -17.62
N SER C 92 29.64 -19.89 -16.70
CA SER C 92 29.41 -20.08 -15.26
C SER C 92 28.03 -19.58 -14.88
N HIS C 93 27.28 -20.36 -14.09
CA HIS C 93 25.96 -19.94 -13.62
C HIS C 93 25.81 -20.17 -12.12
N THR C 94 24.86 -19.44 -11.52
CA THR C 94 24.63 -19.47 -10.08
C THR C 94 23.22 -19.92 -9.75
N LEU C 95 23.14 -20.74 -8.70
CA LEU C 95 21.88 -21.16 -8.11
C LEU C 95 21.95 -20.86 -6.63
N GLN C 96 20.97 -20.08 -6.16
CA GLN C 96 20.89 -19.70 -4.77
C GLN C 96 19.55 -20.18 -4.20
N TRP C 97 19.61 -20.59 -2.93
CA TRP C 97 18.47 -21.05 -2.17
C TRP C 97 18.54 -20.48 -0.76
N MET C 98 17.49 -19.74 -0.38
CA MET C 98 17.38 -19.28 1.01
C MET C 98 16.07 -19.79 1.59
N HIS C 99 16.13 -20.23 2.85
CA HIS C 99 14.95 -20.64 3.59
C HIS C 99 15.12 -20.21 5.04
N GLY C 100 14.00 -20.06 5.76
CA GLY C 100 14.08 -19.81 7.18
C GLY C 100 12.71 -19.88 7.86
N CYS C 101 12.74 -19.96 9.19
CA CYS C 101 11.55 -19.85 10.01
C CYS C 101 11.72 -18.69 10.98
N GLU C 102 10.59 -18.04 11.30
CA GLU C 102 10.58 -16.86 12.15
C GLU C 102 9.55 -17.09 13.24
N LEU C 103 9.96 -16.80 14.47
CA LEU C 103 9.07 -16.79 15.61
C LEU C 103 8.59 -15.36 15.82
N GLY C 104 7.32 -15.22 16.21
CA GLY C 104 6.79 -13.92 16.61
C GLY C 104 7.32 -13.51 17.99
N PRO C 105 6.95 -12.31 18.50
CA PRO C 105 7.29 -11.92 19.87
C PRO C 105 6.82 -12.91 20.94
N ASP C 106 5.72 -13.62 20.64
CA ASP C 106 5.16 -14.62 21.52
C ASP C 106 6.09 -15.84 21.65
N GLY C 107 7.03 -16.02 20.72
CA GLY C 107 7.92 -17.18 20.75
C GLY C 107 7.33 -18.37 19.97
N ARG C 108 6.29 -18.11 19.16
CA ARG C 108 5.66 -19.11 18.33
C ARG C 108 5.85 -18.78 16.86
N PHE C 109 5.61 -19.77 16.01
CA PHE C 109 5.83 -19.68 14.58
C PHE C 109 5.01 -18.54 13.98
N LEU C 110 5.66 -17.67 13.21
CA LEU C 110 5.00 -16.57 12.54
C LEU C 110 4.98 -16.80 11.03
N ARG C 111 6.16 -17.06 10.47
CA ARG C 111 6.31 -17.16 9.02
C ARG C 111 7.45 -18.13 8.69
N GLY C 112 7.30 -18.81 7.56
CA GLY C 112 8.38 -19.54 6.92
C GLY C 112 8.53 -19.06 5.48
N TYR C 113 9.72 -19.27 4.92
CA TYR C 113 9.98 -18.81 3.56
C TYR C 113 11.00 -19.72 2.90
N GLU C 114 10.88 -19.84 1.58
CA GLU C 114 11.81 -20.60 0.78
C GLU C 114 11.78 -20.06 -0.64
N GLN C 115 12.97 -19.74 -1.18
CA GLN C 115 13.04 -19.15 -2.51
C GLN C 115 14.32 -19.62 -3.21
N PHE C 116 14.20 -19.84 -4.52
CA PHE C 116 15.34 -20.13 -5.38
C PHE C 116 15.54 -18.97 -6.34
N ALA C 117 16.82 -18.68 -6.63
CA ALA C 117 17.18 -17.74 -7.68
C ALA C 117 18.18 -18.40 -8.61
N TYR C 118 18.03 -18.11 -9.90
CA TYR C 118 18.99 -18.52 -10.92
C TYR C 118 19.60 -17.26 -11.53
N ASP C 119 20.92 -17.19 -11.51
CA ASP C 119 21.67 -16.07 -12.06
C ASP C 119 21.14 -14.75 -11.49
N GLY C 120 20.87 -14.75 -10.18
CA GLY C 120 20.65 -13.52 -9.43
C GLY C 120 19.23 -12.95 -9.52
N LYS C 121 18.28 -13.70 -10.08
CA LYS C 121 16.88 -13.27 -10.05
C LYS C 121 15.97 -14.43 -9.65
N ASP C 122 14.84 -14.09 -9.04
CA ASP C 122 13.86 -15.05 -8.58
C ASP C 122 13.57 -16.08 -9.65
N TYR C 123 13.40 -17.34 -9.24
CA TYR C 123 13.10 -18.43 -10.16
C TYR C 123 11.82 -19.13 -9.72
N LEU C 124 11.85 -19.70 -8.51
CA LEU C 124 10.73 -20.42 -7.94
C LEU C 124 10.64 -20.07 -6.46
N THR C 125 9.44 -19.64 -6.02
CA THR C 125 9.21 -19.19 -4.65
C THR C 125 8.06 -19.98 -4.02
N LEU C 126 8.28 -20.48 -2.79
CA LEU C 126 7.20 -21.07 -2.02
C LEU C 126 6.31 -19.93 -1.54
N ASN C 127 4.99 -20.05 -1.74
CA ASN C 127 4.07 -19.00 -1.35
C ASN C 127 3.90 -18.95 0.17
N GLU C 128 3.38 -17.83 0.67
CA GLU C 128 3.23 -17.57 2.09
C GLU C 128 2.44 -18.69 2.77
N ASP C 129 1.49 -19.29 2.04
CA ASP C 129 0.61 -20.33 2.56
C ASP C 129 1.33 -21.68 2.69
N LEU C 130 2.51 -21.79 2.06
CA LEU C 130 3.41 -22.95 2.17
C LEU C 130 2.79 -24.19 1.52
N ARG C 131 1.86 -23.99 0.58
CA ARG C 131 1.12 -25.08 -0.04
C ARG C 131 1.20 -24.99 -1.57
N SER C 132 1.77 -23.90 -2.10
CA SER C 132 1.90 -23.67 -3.54
C SER C 132 3.17 -22.88 -3.86
N TRP C 133 3.47 -22.74 -5.16
CA TRP C 133 4.67 -22.06 -5.64
C TRP C 133 4.30 -20.95 -6.61
N THR C 134 5.19 -19.95 -6.70
CA THR C 134 5.16 -18.95 -7.75
C THR C 134 6.34 -19.21 -8.69
N ALA C 135 6.04 -19.35 -9.98
CA ALA C 135 7.03 -19.58 -11.02
C ALA C 135 7.08 -18.33 -11.91
N VAL C 136 8.29 -17.87 -12.24
CA VAL C 136 8.48 -16.59 -12.91
C VAL C 136 8.27 -16.71 -14.41
N ASP C 137 8.45 -17.91 -14.99
CA ASP C 137 8.50 -18.08 -16.44
C ASP C 137 8.14 -19.53 -16.79
N THR C 138 8.25 -19.88 -18.08
CA THR C 138 7.83 -21.21 -18.54
C THR C 138 8.75 -22.28 -17.96
N ALA C 139 10.04 -21.93 -17.78
CA ALA C 139 11.00 -22.87 -17.20
C ALA C 139 10.59 -23.24 -15.78
N ALA C 140 10.42 -22.23 -14.93
CA ALA C 140 10.07 -22.43 -13.54
C ALA C 140 8.70 -23.11 -13.39
N GLN C 141 7.85 -23.03 -14.42
CA GLN C 141 6.57 -23.71 -14.38
C GLN C 141 6.75 -25.23 -14.44
N ILE C 142 7.78 -25.69 -15.14
CA ILE C 142 8.12 -27.11 -15.19
C ILE C 142 8.62 -27.53 -13.82
N SER C 143 9.48 -26.70 -13.21
CA SER C 143 9.93 -26.98 -11.85
C SER C 143 8.74 -27.07 -10.91
N GLU C 144 7.75 -26.19 -11.08
CA GLU C 144 6.56 -26.18 -10.24
C GLU C 144 5.82 -27.50 -10.43
N GLN C 145 5.61 -27.91 -11.69
CA GLN C 145 4.92 -29.17 -11.96
C GLN C 145 5.67 -30.32 -11.28
N LYS C 146 7.00 -30.37 -11.45
CA LYS C 146 7.82 -31.41 -10.83
C LYS C 146 7.61 -31.42 -9.32
N SER C 147 7.69 -30.24 -8.68
CA SER C 147 7.58 -30.15 -7.23
C SER C 147 6.19 -30.57 -6.76
N ASN C 148 5.14 -30.30 -7.55
CA ASN C 148 3.79 -30.70 -7.18
C ASN C 148 3.69 -32.23 -7.26
N ASP C 149 4.25 -32.83 -8.33
CA ASP C 149 4.26 -34.28 -8.48
C ASP C 149 4.94 -34.97 -7.29
N ALA C 150 5.92 -34.33 -6.66
CA ALA C 150 6.72 -34.94 -5.59
C ALA C 150 6.27 -34.49 -4.20
N SER C 151 5.17 -33.72 -4.11
CA SER C 151 4.63 -33.22 -2.85
C SER C 151 5.67 -32.41 -2.09
N GLU C 152 6.43 -31.58 -2.81
CA GLU C 152 7.58 -30.90 -2.24
C GLU C 152 7.14 -29.83 -1.25
N ALA C 153 6.12 -29.04 -1.64
CA ALA C 153 5.53 -28.04 -0.76
C ALA C 153 5.16 -28.64 0.61
N GLU C 154 4.65 -29.88 0.62
CA GLU C 154 4.29 -30.54 1.86
C GLU C 154 5.53 -30.84 2.71
N HIS C 155 6.63 -31.27 2.06
CA HIS C 155 7.85 -31.61 2.78
C HIS C 155 8.51 -30.35 3.34
N GLN C 156 8.54 -29.30 2.52
CA GLN C 156 9.15 -28.05 2.94
C GLN C 156 8.31 -27.40 4.04
N ARG C 157 6.98 -27.50 3.95
CA ARG C 157 6.13 -26.96 5.00
C ARG C 157 6.49 -27.64 6.33
N ALA C 158 6.65 -28.97 6.32
CA ALA C 158 6.92 -29.71 7.55
C ALA C 158 8.27 -29.30 8.13
N TYR C 159 9.26 -29.08 7.26
CA TYR C 159 10.54 -28.58 7.72
C TYR C 159 10.36 -27.21 8.39
N LEU C 160 9.68 -26.29 7.69
CA LEU C 160 9.61 -24.90 8.13
C LEU C 160 8.77 -24.78 9.39
N GLU C 161 7.63 -25.50 9.45
CA GLU C 161 6.70 -25.38 10.57
C GLU C 161 7.13 -26.21 11.78
N ASP C 162 7.80 -27.36 11.58
CA ASP C 162 8.12 -28.26 12.68
C ASP C 162 9.63 -28.29 12.97
N THR C 163 10.43 -28.83 12.03
CA THR C 163 11.85 -29.09 12.26
C THR C 163 12.59 -27.79 12.59
N CYS C 164 12.39 -26.77 11.75
CA CYS C 164 13.09 -25.51 11.84
C CYS C 164 12.79 -24.84 13.19
N VAL C 165 11.50 -24.86 13.58
CA VAL C 165 11.07 -24.24 14.84
C VAL C 165 11.70 -25.00 16.00
N GLU C 166 11.64 -26.33 15.93
CA GLU C 166 12.21 -27.18 16.96
C GLU C 166 13.69 -26.85 17.17
N TRP C 167 14.44 -26.77 16.06
CA TRP C 167 15.88 -26.60 16.17
C TRP C 167 16.24 -25.16 16.54
N LEU C 168 15.40 -24.20 16.14
CA LEU C 168 15.59 -22.82 16.54
C LEU C 168 15.56 -22.74 18.07
N HIS C 169 14.59 -23.42 18.71
CA HIS C 169 14.53 -23.43 20.17
C HIS C 169 15.80 -24.06 20.75
N LYS C 170 16.26 -25.16 20.14
CA LYS C 170 17.43 -25.88 20.62
C LYS C 170 18.69 -25.03 20.50
N TYR C 171 18.83 -24.27 19.40
CA TYR C 171 19.99 -23.41 19.24
C TYR C 171 19.92 -22.24 20.24
N LEU C 172 18.72 -21.72 20.50
CA LEU C 172 18.57 -20.64 21.48
C LEU C 172 18.97 -21.14 22.87
N GLU C 173 18.63 -22.39 23.21
CA GLU C 173 19.10 -23.00 24.46
C GLU C 173 20.62 -23.16 24.43
N LYS C 174 21.17 -23.70 23.34
CA LYS C 174 22.61 -23.92 23.24
C LYS C 174 23.37 -22.59 23.34
N GLY C 175 22.84 -21.54 22.71
CA GLY C 175 23.49 -20.24 22.68
C GLY C 175 22.86 -19.24 23.64
N LYS C 176 22.29 -19.72 24.76
CA LYS C 176 21.50 -18.90 25.66
C LYS C 176 22.37 -17.86 26.37
N GLU C 177 23.68 -18.12 26.51
CA GLU C 177 24.57 -17.19 27.20
C GLU C 177 25.01 -16.03 26.31
N THR C 178 24.60 -15.96 25.02
CA THR C 178 25.08 -14.93 24.10
C THR C 178 24.01 -14.44 23.11
N LEU C 179 23.17 -15.33 22.55
CA LEU C 179 22.22 -14.96 21.50
C LEU C 179 21.12 -14.02 22.01
N LEU C 180 20.86 -14.02 23.32
CA LEU C 180 19.77 -13.25 23.88
C LEU C 180 20.27 -11.89 24.38
N HIS C 181 21.59 -11.69 24.44
CA HIS C 181 22.15 -10.43 24.92
C HIS C 181 21.99 -9.36 23.83
N LEU C 182 21.39 -8.22 24.21
CA LEU C 182 21.39 -7.03 23.38
C LEU C 182 22.58 -6.16 23.78
N GLU C 183 23.48 -5.87 22.82
CA GLU C 183 24.62 -4.99 23.06
C GLU C 183 24.26 -3.62 22.49
N PRO C 184 24.14 -2.56 23.33
CA PRO C 184 23.76 -1.24 22.84
C PRO C 184 24.95 -0.60 22.15
N PRO C 185 24.76 0.38 21.23
CA PRO C 185 25.88 1.10 20.63
C PRO C 185 26.60 2.03 21.59
N LYS C 186 27.91 2.11 21.40
CA LYS C 186 28.69 3.21 21.90
C LYS C 186 28.63 4.32 20.84
N THR C 187 28.27 5.54 21.27
CA THR C 187 28.05 6.62 20.32
C THR C 187 28.93 7.82 20.64
N HIS C 188 29.39 8.50 19.59
CA HIS C 188 30.09 9.76 19.70
C HIS C 188 29.97 10.51 18.38
N VAL C 189 30.25 11.83 18.42
CA VAL C 189 30.25 12.64 17.22
C VAL C 189 31.68 13.07 16.95
N THR C 190 32.10 13.03 15.68
CA THR C 190 33.36 13.64 15.29
C THR C 190 33.07 14.83 14.38
N HIS C 191 34.07 15.71 14.32
CA HIS C 191 33.98 17.02 13.68
C HIS C 191 35.17 17.16 12.73
N HIS C 192 34.91 17.40 11.44
CA HIS C 192 35.96 17.41 10.43
C HIS C 192 35.79 18.69 9.61
N PRO C 193 36.57 19.76 9.90
CA PRO C 193 36.46 21.00 9.15
C PRO C 193 36.79 20.67 7.70
N ILE C 194 35.98 21.18 6.79
CA ILE C 194 36.25 21.12 5.36
C ILE C 194 37.03 22.37 4.98
N SER C 195 36.33 23.51 4.94
CA SER C 195 36.94 24.81 4.68
C SER C 195 37.09 25.55 6.00
N ASP C 196 37.08 26.90 5.96
CA ASP C 196 37.11 27.71 7.16
C ASP C 196 35.69 28.01 7.63
N HIS C 197 34.68 27.78 6.79
CA HIS C 197 33.30 28.08 7.15
C HIS C 197 32.42 26.83 7.23
N GLU C 198 32.85 25.68 6.68
CA GLU C 198 32.04 24.47 6.67
C GLU C 198 32.74 23.32 7.40
N ALA C 199 31.94 22.36 7.93
CA ALA C 199 32.49 21.21 8.62
C ALA C 199 31.56 20.00 8.53
N THR C 200 32.13 18.79 8.53
CA THR C 200 31.31 17.59 8.61
C THR C 200 31.09 17.25 10.09
N LEU C 201 29.85 16.92 10.44
CA LEU C 201 29.57 16.23 11.70
C LEU C 201 29.25 14.77 11.37
N ARG C 202 29.91 13.84 12.04
CA ARG C 202 29.73 12.41 11.81
C ARG C 202 29.32 11.76 13.12
N CYS C 203 28.13 11.17 13.12
CA CYS C 203 27.60 10.47 14.27
C CYS C 203 27.91 8.98 14.12
N TRP C 204 28.63 8.42 15.10
CA TRP C 204 29.08 7.05 15.08
C TRP C 204 28.30 6.20 16.07
N ALA C 205 27.92 4.99 15.62
CA ALA C 205 27.40 3.94 16.48
C ALA C 205 28.30 2.72 16.33
N LEU C 206 28.88 2.22 17.43
CA LEU C 206 29.91 1.20 17.37
C LEU C 206 29.56 0.09 18.36
N GLY C 207 29.81 -1.15 17.94
CA GLY C 207 29.89 -2.28 18.85
C GLY C 207 28.52 -2.81 19.28
N PHE C 208 27.51 -2.66 18.41
CA PHE C 208 26.13 -2.98 18.75
C PHE C 208 25.73 -4.34 18.18
N TYR C 209 24.75 -4.98 18.85
CA TYR C 209 24.11 -6.20 18.38
C TYR C 209 22.70 -6.22 18.93
N PRO C 210 21.63 -6.56 18.18
CA PRO C 210 21.67 -6.89 16.74
C PRO C 210 22.01 -5.72 15.80
N ALA C 211 22.05 -6.02 14.48
CA ALA C 211 22.44 -5.08 13.43
C ALA C 211 21.40 -3.96 13.21
N GLU C 212 20.12 -4.24 13.44
CA GLU C 212 19.07 -3.24 13.24
C GLU C 212 19.39 -1.99 14.06
N ILE C 213 19.42 -0.83 13.41
CA ILE C 213 19.68 0.44 14.08
C ILE C 213 19.10 1.59 13.25
N THR C 214 18.77 2.71 13.89
CA THR C 214 18.41 3.93 13.18
C THR C 214 19.26 5.09 13.71
N LEU C 215 19.97 5.75 12.79
CA LEU C 215 20.75 6.95 13.06
C LEU C 215 20.14 8.10 12.28
N THR C 216 19.84 9.23 12.93
CA THR C 216 19.30 10.39 12.24
C THR C 216 19.96 11.65 12.80
N TRP C 217 20.01 12.67 11.95
CA TRP C 217 20.42 14.00 12.35
C TRP C 217 19.19 14.92 12.32
N GLN C 218 19.04 15.73 13.37
CA GLN C 218 18.00 16.74 13.42
C GLN C 218 18.62 18.12 13.58
N GLN C 219 18.02 19.13 12.97
CA GLN C 219 18.36 20.51 13.28
C GLN C 219 17.24 21.11 14.11
N ASP C 220 17.58 21.81 15.19
CA ASP C 220 16.59 22.52 15.98
C ASP C 220 16.14 23.75 15.20
N GLY C 223 15.94 22.64 9.46
CA GLY C 223 14.80 22.37 10.36
C GLY C 223 14.34 20.91 10.25
N HIS C 224 14.01 20.31 11.40
CA HIS C 224 13.53 18.94 11.49
C HIS C 224 14.64 17.97 11.05
N THR C 225 14.27 16.71 10.79
CA THR C 225 15.21 15.69 10.37
C THR C 225 15.84 16.07 9.03
N GLN C 226 17.10 15.66 8.84
CA GLN C 226 17.89 16.01 7.67
C GLN C 226 18.19 14.76 6.85
N ASP C 227 18.43 14.94 5.54
CA ASP C 227 19.02 13.89 4.73
C ASP C 227 20.52 13.83 5.06
N THR C 228 21.07 12.61 5.15
CA THR C 228 22.45 12.43 5.60
C THR C 228 23.20 11.54 4.63
N GLU C 229 24.54 11.64 4.69
CA GLU C 229 25.41 10.59 4.19
C GLU C 229 25.39 9.46 5.21
N LEU C 230 24.90 8.29 4.82
CA LEU C 230 24.63 7.20 5.74
C LEU C 230 25.27 5.94 5.17
N VAL C 231 26.19 5.31 5.91
CA VAL C 231 26.84 4.11 5.41
C VAL C 231 25.97 2.90 5.74
N GLU C 232 26.13 1.85 4.91
CA GLU C 232 25.51 0.57 5.15
C GLU C 232 26.06 0.02 6.47
N THR C 233 25.16 -0.57 7.29
CA THR C 233 25.58 -1.19 8.52
C THR C 233 26.60 -2.29 8.20
N ARG C 234 27.71 -2.31 8.93
CA ARG C 234 28.85 -3.13 8.54
C ARG C 234 29.31 -3.94 9.74
N PRO C 235 29.83 -5.17 9.51
CA PRO C 235 30.32 -6.00 10.61
C PRO C 235 31.69 -5.57 11.12
N ALA C 236 31.85 -5.57 12.44
CA ALA C 236 33.11 -5.21 13.06
C ALA C 236 34.12 -6.37 12.98
N GLY C 237 33.59 -7.59 12.85
CA GLY C 237 34.40 -8.80 12.75
C GLY C 237 34.42 -9.62 14.04
N ASP C 238 33.83 -9.05 15.11
CA ASP C 238 33.77 -9.68 16.43
C ASP C 238 32.31 -10.07 16.76
N GLY C 239 31.41 -10.01 15.78
CA GLY C 239 30.01 -10.32 15.97
C GLY C 239 29.14 -9.09 16.29
N THR C 240 29.75 -7.90 16.43
CA THR C 240 28.99 -6.66 16.58
C THR C 240 29.04 -5.89 15.26
N PHE C 241 28.34 -4.75 15.22
CA PHE C 241 28.13 -3.98 14.00
C PHE C 241 28.46 -2.50 14.23
N GLN C 242 28.61 -1.77 13.11
CA GLN C 242 28.96 -0.36 13.12
C GLN C 242 28.12 0.38 12.09
N LYS C 243 27.89 1.69 12.32
CA LYS C 243 27.24 2.55 11.35
C LYS C 243 27.55 4.00 11.72
N TRP C 244 27.55 4.86 10.71
CA TRP C 244 27.66 6.29 10.94
C TRP C 244 26.80 7.05 9.94
N ALA C 245 26.42 8.25 10.38
CA ALA C 245 25.63 9.17 9.59
C ALA C 245 26.32 10.52 9.67
N ALA C 246 26.45 11.20 8.53
CA ALA C 246 27.14 12.47 8.48
C ALA C 246 26.35 13.56 7.74
N VAL C 247 26.66 14.79 8.14
CA VAL C 247 26.02 15.97 7.60
C VAL C 247 27.05 17.09 7.53
N VAL C 248 26.95 17.93 6.50
CA VAL C 248 27.82 19.08 6.33
C VAL C 248 27.13 20.30 6.92
N VAL C 249 27.78 21.01 7.86
CA VAL C 249 27.16 22.14 8.52
C VAL C 249 28.07 23.36 8.41
N PRO C 250 27.53 24.60 8.54
CA PRO C 250 28.37 25.79 8.71
C PRO C 250 29.04 25.88 10.10
N SER C 251 30.21 26.53 10.16
CA SER C 251 30.97 26.67 11.39
C SER C 251 30.24 27.58 12.38
N GLY C 252 30.43 27.30 13.68
CA GLY C 252 29.74 28.03 14.73
C GLY C 252 28.33 27.50 14.97
N GLU C 253 27.77 26.75 14.01
CA GLU C 253 26.38 26.34 14.06
C GLU C 253 26.25 24.87 14.47
N GLU C 254 27.32 24.29 15.02
CA GLU C 254 27.34 22.86 15.30
C GLU C 254 26.32 22.51 16.38
N GLN C 255 26.04 23.42 17.32
CA GLN C 255 25.20 23.08 18.45
C GLN C 255 23.73 23.00 18.04
N ARG C 256 23.38 23.45 16.83
CA ARG C 256 22.02 23.35 16.33
C ARG C 256 21.64 21.93 15.91
N TYR C 257 22.62 21.03 15.84
CA TYR C 257 22.42 19.70 15.26
C TYR C 257 22.55 18.64 16.34
N THR C 258 21.60 17.68 16.34
CA THR C 258 21.53 16.58 17.30
C THR C 258 21.44 15.25 16.54
N CYS C 259 22.29 14.29 16.91
CA CYS C 259 22.17 12.94 16.42
C CYS C 259 21.28 12.13 17.36
N HIS C 260 20.39 11.33 16.76
CA HIS C 260 19.50 10.45 17.50
C HIS C 260 19.79 9.03 17.06
N VAL C 261 19.89 8.16 18.07
CA VAL C 261 20.24 6.77 17.86
C VAL C 261 19.16 5.90 18.51
N GLN C 262 18.54 5.05 17.69
CA GLN C 262 17.60 4.08 18.24
C GLN C 262 18.13 2.67 18.05
N HIS C 263 18.06 1.87 19.12
CA HIS C 263 18.51 0.50 19.10
C HIS C 263 17.89 -0.23 20.28
N GLU C 264 17.60 -1.53 20.08
CA GLU C 264 16.85 -2.35 21.02
C GLU C 264 17.59 -2.49 22.35
N GLY C 265 18.91 -2.36 22.35
CA GLY C 265 19.72 -2.50 23.56
C GLY C 265 19.78 -1.23 24.41
N LEU C 266 19.19 -0.13 23.93
CA LEU C 266 19.19 1.11 24.69
C LEU C 266 17.93 1.15 25.55
N PRO C 267 18.05 1.48 26.86
CA PRO C 267 16.86 1.73 27.70
C PRO C 267 15.90 2.71 27.01
N GLU C 268 16.48 3.80 26.48
CA GLU C 268 15.74 4.86 25.79
C GLU C 268 16.57 5.32 24.58
N PRO C 269 15.95 5.84 23.50
CA PRO C 269 16.71 6.46 22.41
C PRO C 269 17.74 7.47 22.94
N VAL C 270 18.93 7.55 22.34
CA VAL C 270 19.93 8.50 22.84
C VAL C 270 20.04 9.65 21.84
N THR C 271 20.41 10.82 22.36
CA THR C 271 20.69 11.99 21.54
C THR C 271 22.07 12.51 21.91
N LEU C 272 22.82 12.97 20.91
CA LEU C 272 24.17 13.47 21.12
C LEU C 272 24.33 14.72 20.29
N ARG C 273 25.19 15.61 20.77
CA ARG C 273 25.66 16.73 19.97
C ARG C 273 27.18 16.81 20.09
N TRP C 274 27.77 17.54 19.15
CA TRP C 274 29.14 18.00 19.27
C TRP C 274 29.21 18.93 20.50
N MET D 1 22.37 -11.37 -18.50
CA MET D 1 23.08 -11.79 -17.28
C MET D 1 23.22 -10.58 -16.36
N ILE D 2 22.59 -10.68 -15.18
CA ILE D 2 22.77 -9.75 -14.08
C ILE D 2 24.25 -9.69 -13.68
N GLN D 3 24.80 -8.47 -13.69
CA GLN D 3 26.07 -8.20 -13.06
C GLN D 3 25.90 -6.99 -12.16
N ARG D 4 26.33 -7.10 -10.90
CA ARG D 4 26.17 -6.03 -9.94
C ARG D 4 27.51 -5.72 -9.27
N THR D 5 27.83 -4.42 -9.21
CA THR D 5 29.18 -3.96 -8.87
C THR D 5 29.29 -3.90 -7.36
N PRO D 6 30.39 -4.40 -6.77
CA PRO D 6 30.53 -4.36 -5.32
C PRO D 6 30.59 -2.95 -4.75
N LYS D 7 29.91 -2.75 -3.63
CA LYS D 7 30.20 -1.66 -2.70
C LYS D 7 31.33 -2.09 -1.78
N ILE D 8 32.17 -1.13 -1.37
CA ILE D 8 33.38 -1.40 -0.60
C ILE D 8 33.44 -0.42 0.56
N GLN D 9 33.59 -0.94 1.78
CA GLN D 9 33.99 -0.14 2.92
C GLN D 9 35.27 -0.69 3.53
N VAL D 10 36.19 0.22 3.88
CA VAL D 10 37.43 -0.11 4.56
C VAL D 10 37.43 0.63 5.88
N TYR D 11 37.77 -0.06 6.97
CA TYR D 11 37.57 0.47 8.30
C TYR D 11 38.23 -0.44 9.32
N SER D 12 38.42 0.08 10.54
CA SER D 12 38.99 -0.69 11.63
C SER D 12 37.89 -1.24 12.53
N ARG D 13 38.19 -2.38 13.17
CA ARG D 13 37.28 -2.99 14.12
C ARG D 13 37.09 -2.09 15.35
N HIS D 14 38.19 -1.49 15.82
CA HIS D 14 38.17 -0.61 16.99
C HIS D 14 38.68 0.77 16.61
N PRO D 15 38.34 1.82 17.40
CA PRO D 15 38.88 3.16 17.16
C PRO D 15 40.40 3.11 17.14
N ALA D 16 40.97 3.76 16.11
CA ALA D 16 42.38 3.64 15.77
C ALA D 16 43.23 4.48 16.72
N GLU D 17 44.33 3.88 17.13
CA GLU D 17 45.33 4.55 17.96
C GLU D 17 46.70 4.07 17.47
N ASN D 18 47.55 4.99 17.00
CA ASN D 18 48.83 4.60 16.41
C ASN D 18 49.60 3.72 17.39
N GLY D 19 50.16 2.62 16.86
CA GLY D 19 50.98 1.71 17.64
C GLY D 19 50.17 0.73 18.48
N LYS D 20 48.83 0.78 18.40
CA LYS D 20 47.97 -0.15 19.13
C LYS D 20 47.34 -1.16 18.16
N SER D 21 47.40 -2.45 18.54
CA SER D 21 46.94 -3.53 17.68
C SER D 21 45.43 -3.48 17.51
N ASN D 22 44.98 -3.80 16.29
CA ASN D 22 43.61 -3.57 15.86
C ASN D 22 43.34 -4.59 14.75
N PHE D 23 42.20 -4.44 14.04
CA PHE D 23 41.88 -5.28 12.89
C PHE D 23 41.41 -4.36 11.77
N LEU D 24 41.96 -4.61 10.57
CA LEU D 24 41.62 -3.92 9.34
C LEU D 24 40.60 -4.75 8.59
N ASN D 25 39.48 -4.12 8.22
CA ASN D 25 38.37 -4.79 7.57
C ASN D 25 38.11 -4.19 6.20
N CYS D 26 37.76 -5.05 5.26
CA CYS D 26 37.25 -4.61 3.98
C CYS D 26 35.97 -5.38 3.74
N TYR D 27 34.86 -4.65 3.77
CA TYR D 27 33.53 -5.21 3.61
C TYR D 27 33.06 -4.96 2.20
N VAL D 28 32.86 -6.04 1.45
CA VAL D 28 32.40 -5.99 0.07
C VAL D 28 30.97 -6.53 0.06
N SER D 29 30.07 -5.84 -0.64
CA SER D 29 28.67 -6.19 -0.59
C SER D 29 27.97 -5.73 -1.87
N GLY D 30 26.77 -6.26 -2.11
CA GLY D 30 25.93 -5.80 -3.19
C GLY D 30 26.36 -6.35 -4.56
N PHE D 31 27.16 -7.42 -4.61
CA PHE D 31 27.73 -7.80 -5.89
C PHE D 31 27.13 -9.12 -6.38
N HIS D 32 27.29 -9.34 -7.69
CA HIS D 32 26.84 -10.54 -8.37
C HIS D 32 27.54 -10.56 -9.74
N PRO D 33 28.12 -11.69 -10.22
CA PRO D 33 28.29 -12.94 -9.47
C PRO D 33 29.24 -12.92 -8.27
N SER D 34 29.43 -14.09 -7.63
CA SER D 34 30.07 -14.19 -6.33
C SER D 34 31.60 -14.14 -6.44
N ASP D 35 32.13 -14.50 -7.61
CA ASP D 35 33.57 -14.52 -7.79
C ASP D 35 34.13 -13.10 -7.66
N ILE D 36 35.05 -12.92 -6.72
CA ILE D 36 35.59 -11.60 -6.42
C ILE D 36 37.01 -11.79 -5.88
N GLU D 37 37.87 -10.82 -6.20
CA GLU D 37 39.23 -10.77 -5.69
C GLU D 37 39.35 -9.56 -4.77
N VAL D 38 39.77 -9.81 -3.53
CA VAL D 38 39.94 -8.79 -2.52
C VAL D 38 41.29 -8.99 -1.85
N ASP D 39 42.08 -7.93 -1.80
CA ASP D 39 43.31 -7.92 -1.06
C ASP D 39 43.30 -6.71 -0.13
N LEU D 40 43.92 -6.90 1.04
CA LEU D 40 44.25 -5.80 1.93
C LEU D 40 45.70 -5.42 1.65
N LEU D 41 45.95 -4.12 1.52
CA LEU D 41 47.24 -3.60 1.14
C LEU D 41 47.87 -2.87 2.33
N LYS D 42 49.15 -3.13 2.52
CA LYS D 42 50.03 -2.25 3.27
C LYS D 42 50.97 -1.57 2.28
N ASN D 43 51.00 -0.22 2.33
CA ASN D 43 51.77 0.60 1.41
C ASN D 43 51.66 0.10 -0.04
N GLY D 44 50.45 -0.25 -0.47
CA GLY D 44 50.19 -0.44 -1.89
C GLY D 44 50.49 -1.86 -2.38
N GLU D 45 50.95 -2.73 -1.46
CA GLU D 45 51.21 -4.14 -1.75
C GLU D 45 50.42 -5.04 -0.80
N ARG D 46 50.08 -6.26 -1.27
CA ARG D 46 49.11 -7.11 -0.60
C ARG D 46 49.70 -7.77 0.64
N ILE D 47 48.89 -7.86 1.69
CA ILE D 47 49.19 -8.65 2.87
C ILE D 47 48.95 -10.12 2.52
N GLU D 48 49.90 -10.99 2.90
CA GLU D 48 49.90 -12.37 2.42
C GLU D 48 48.75 -13.17 3.03
N LYS D 49 48.57 -13.12 4.35
CA LYS D 49 47.56 -13.95 4.99
C LYS D 49 46.43 -13.05 5.49
N VAL D 50 45.29 -13.17 4.83
CA VAL D 50 44.10 -12.42 5.23
C VAL D 50 42.95 -13.41 5.29
N GLU D 51 42.06 -13.19 6.26
CA GLU D 51 40.93 -14.05 6.49
C GLU D 51 39.70 -13.43 5.83
N HIS D 52 38.70 -14.28 5.54
CA HIS D 52 37.42 -13.80 5.04
C HIS D 52 36.30 -14.65 5.62
N SER D 53 35.12 -14.02 5.73
CA SER D 53 33.91 -14.69 6.17
C SER D 53 33.39 -15.65 5.10
N ASP D 54 32.42 -16.47 5.48
CA ASP D 54 31.79 -17.41 4.56
C ASP D 54 30.81 -16.67 3.66
N LEU D 55 30.88 -16.97 2.36
CA LEU D 55 30.00 -16.40 1.36
C LEU D 55 28.53 -16.49 1.77
N SER D 56 27.87 -15.33 1.84
CA SER D 56 26.44 -15.30 2.09
C SER D 56 25.81 -14.23 1.21
N PHE D 57 24.49 -14.06 1.30
CA PHE D 57 23.81 -13.09 0.45
C PHE D 57 22.58 -12.49 1.13
N SER D 58 22.14 -11.36 0.56
CA SER D 58 21.04 -10.56 1.06
C SER D 58 19.76 -10.98 0.36
N LYS D 59 18.63 -10.36 0.77
CA LYS D 59 17.30 -10.66 0.24
C LYS D 59 17.19 -10.40 -1.26
N ASP D 60 17.93 -9.40 -1.78
CA ASP D 60 17.95 -9.10 -3.20
C ASP D 60 18.90 -10.04 -3.96
N TRP D 61 19.48 -11.02 -3.25
CA TRP D 61 20.31 -12.08 -3.82
C TRP D 61 21.77 -11.65 -3.95
N SER D 62 22.09 -10.39 -3.65
CA SER D 62 23.46 -9.92 -3.81
C SER D 62 24.35 -10.48 -2.71
N PHE D 63 25.64 -10.73 -3.03
CA PHE D 63 26.57 -11.36 -2.10
C PHE D 63 27.23 -10.31 -1.20
N TYR D 64 27.74 -10.77 -0.05
CA TYR D 64 28.63 -9.98 0.78
C TYR D 64 29.69 -10.87 1.42
N LEU D 65 30.88 -10.26 1.63
CA LEU D 65 32.04 -10.87 2.28
C LEU D 65 32.74 -9.82 3.14
N LEU D 66 33.26 -10.26 4.30
CA LEU D 66 34.19 -9.49 5.11
C LEU D 66 35.58 -10.10 4.97
N TYR D 67 36.55 -9.31 4.48
CA TYR D 67 37.97 -9.63 4.56
C TYR D 67 38.64 -8.83 5.67
N TYR D 68 39.55 -9.48 6.43
CA TYR D 68 40.15 -8.85 7.59
C TYR D 68 41.50 -9.46 7.91
N THR D 69 42.32 -8.68 8.62
CA THR D 69 43.60 -9.11 9.16
C THR D 69 43.97 -8.21 10.33
N GLU D 70 44.81 -8.73 11.23
CA GLU D 70 45.41 -7.94 12.29
C GLU D 70 46.33 -6.90 11.67
N PHE D 71 46.35 -5.70 12.28
CA PHE D 71 47.30 -4.67 11.89
C PHE D 71 47.51 -3.73 13.06
N THR D 72 48.61 -2.98 13.00
CA THR D 72 48.94 -1.97 13.99
C THR D 72 49.10 -0.66 13.23
N PRO D 73 48.10 0.25 13.26
CA PRO D 73 48.20 1.51 12.54
C PRO D 73 49.34 2.38 13.06
N THR D 74 49.94 3.17 12.17
CA THR D 74 50.95 4.16 12.47
C THR D 74 50.74 5.35 11.53
N GLU D 75 51.53 6.41 11.77
CA GLU D 75 51.45 7.61 10.96
C GLU D 75 51.88 7.28 9.53
N LYS D 76 52.96 6.50 9.38
CA LYS D 76 53.66 6.40 8.12
C LYS D 76 52.96 5.46 7.13
N ASP D 77 52.37 4.38 7.63
CA ASP D 77 51.90 3.27 6.80
C ASP D 77 50.48 3.55 6.28
N GLU D 78 50.30 3.40 4.95
CA GLU D 78 49.01 3.57 4.30
C GLU D 78 48.37 2.19 4.14
N TYR D 79 47.11 2.06 4.57
CA TYR D 79 46.38 0.83 4.36
C TYR D 79 45.25 1.06 3.36
N ALA D 80 44.90 -0.01 2.65
CA ALA D 80 43.85 0.04 1.66
C ALA D 80 43.30 -1.35 1.43
N CYS D 81 42.21 -1.37 0.67
CA CYS D 81 41.60 -2.57 0.15
C CYS D 81 41.60 -2.45 -1.39
N ARG D 82 41.92 -3.56 -2.07
CA ARG D 82 41.96 -3.61 -3.52
C ARG D 82 41.03 -4.72 -4.01
N VAL D 83 40.04 -4.34 -4.84
CA VAL D 83 38.99 -5.22 -5.29
C VAL D 83 38.92 -5.32 -6.81
N ASN D 84 38.84 -6.55 -7.32
CA ASN D 84 38.49 -6.81 -8.72
C ASN D 84 37.28 -7.73 -8.77
N HIS D 85 36.52 -7.62 -9.88
CA HIS D 85 35.24 -8.27 -10.11
C HIS D 85 34.94 -8.12 -11.60
N VAL D 86 34.12 -8.99 -12.18
CA VAL D 86 33.81 -8.88 -13.59
C VAL D 86 33.30 -7.47 -13.96
N THR D 87 32.64 -6.75 -13.04
CA THR D 87 32.06 -5.44 -13.34
C THR D 87 33.11 -4.33 -13.39
N LEU D 88 34.39 -4.63 -13.09
CA LEU D 88 35.42 -3.60 -12.95
C LEU D 88 36.50 -3.84 -14.00
N SER D 89 36.97 -2.77 -14.66
CA SER D 89 37.92 -2.90 -15.75
C SER D 89 39.32 -3.21 -15.23
N GLN D 90 39.69 -2.57 -14.12
CA GLN D 90 40.91 -2.91 -13.39
C GLN D 90 40.64 -2.79 -11.88
N PRO D 91 41.49 -3.33 -10.99
CA PRO D 91 41.18 -3.27 -9.55
C PRO D 91 40.89 -1.85 -9.11
N LYS D 92 39.87 -1.71 -8.25
CA LYS D 92 39.58 -0.48 -7.51
C LYS D 92 40.22 -0.52 -6.12
N ILE D 93 40.87 0.59 -5.77
CA ILE D 93 41.59 0.71 -4.51
C ILE D 93 40.87 1.73 -3.64
N VAL D 94 40.52 1.32 -2.41
CA VAL D 94 39.91 2.20 -1.44
C VAL D 94 40.84 2.30 -0.24
N LYS D 95 41.28 3.52 0.04
CA LYS D 95 42.27 3.76 1.10
C LYS D 95 41.53 3.79 2.43
N TRP D 96 42.16 3.25 3.46
CA TRP D 96 41.62 3.34 4.80
C TRP D 96 41.73 4.78 5.27
N ASP D 97 40.61 5.32 5.77
CA ASP D 97 40.55 6.67 6.30
C ASP D 97 39.94 6.55 7.69
N ARG D 98 40.68 6.99 8.71
CA ARG D 98 40.24 6.79 10.09
C ARG D 98 39.06 7.70 10.45
N ASP D 99 38.74 8.69 9.63
CA ASP D 99 37.53 9.49 9.83
C ASP D 99 36.28 8.78 9.32
N MET D 100 36.41 7.53 8.80
CA MET D 100 35.31 6.88 8.08
C MET D 100 35.28 5.36 8.33
N VAL E 1 19.13 -27.09 11.82
CA VAL E 1 19.54 -28.16 10.84
C VAL E 1 18.91 -27.82 9.49
N ILE E 2 19.52 -28.33 8.42
CA ILE E 2 19.07 -28.02 7.07
C ILE E 2 18.08 -29.09 6.63
N PRO E 3 17.26 -28.80 5.59
CA PRO E 3 16.36 -29.81 5.04
C PRO E 3 17.14 -31.06 4.66
N LEU E 4 16.49 -32.22 4.80
CA LEU E 4 17.09 -33.46 4.34
C LEU E 4 17.38 -33.35 2.85
N SER E 5 16.42 -32.80 2.11
CA SER E 5 16.49 -32.72 0.66
C SER E 5 16.09 -31.32 0.20
N ALA E 6 16.71 -30.87 -0.90
CA ALA E 6 16.28 -29.67 -1.60
C ALA E 6 15.49 -30.07 -2.85
N PRO E 7 14.50 -29.25 -3.28
CA PRO E 7 13.74 -29.53 -4.50
C PRO E 7 14.59 -29.79 -5.75
N THR E 8 14.18 -30.80 -6.52
CA THR E 8 14.71 -31.02 -7.85
C THR E 8 13.95 -30.15 -8.85
N LEU E 9 14.68 -29.32 -9.59
CA LEU E 9 14.11 -28.36 -10.53
C LEU E 9 14.00 -28.98 -11.94
N GLY F 1 -42.02 -15.74 4.04
CA GLY F 1 -42.65 -14.80 4.98
C GLY F 1 -42.65 -13.37 4.44
N SER F 2 -42.76 -12.42 5.37
CA SER F 2 -42.86 -11.01 5.07
C SER F 2 -41.50 -10.42 4.72
N HIS F 3 -41.52 -9.35 3.90
CA HIS F 3 -40.34 -8.60 3.52
C HIS F 3 -40.65 -7.11 3.57
N SER F 4 -39.60 -6.30 3.72
CA SER F 4 -39.75 -4.86 3.78
C SER F 4 -38.57 -4.17 3.09
N LEU F 5 -38.86 -3.01 2.47
CA LEU F 5 -37.86 -2.12 1.92
C LEU F 5 -37.95 -0.83 2.74
N LYS F 6 -36.86 -0.46 3.41
CA LYS F 6 -36.86 0.64 4.36
C LYS F 6 -35.64 1.52 4.11
N TYR F 7 -35.79 2.84 4.33
CA TYR F 7 -34.64 3.72 4.38
C TYR F 7 -34.64 4.52 5.67
N PHE F 8 -33.42 4.88 6.08
CA PHE F 8 -33.17 5.71 7.25
C PHE F 8 -32.30 6.89 6.83
N HIS F 9 -32.85 8.11 6.92
CA HIS F 9 -32.13 9.30 6.54
C HIS F 9 -31.84 10.15 7.77
N THR F 10 -30.60 10.64 7.87
CA THR F 10 -30.19 11.51 8.98
C THR F 10 -29.51 12.77 8.43
N SER F 11 -29.93 13.93 8.92
CA SER F 11 -29.24 15.18 8.64
C SER F 11 -28.89 15.87 9.96
N VAL F 12 -27.65 16.37 10.08
CA VAL F 12 -27.15 16.90 11.35
C VAL F 12 -26.41 18.20 11.04
N SER F 13 -26.89 19.30 11.62
CA SER F 13 -26.19 20.56 11.43
C SER F 13 -24.92 20.58 12.28
N ARG F 14 -23.94 21.36 11.83
CA ARG F 14 -22.69 21.47 12.55
C ARG F 14 -22.13 22.87 12.33
N PRO F 15 -22.76 23.90 12.94
CA PRO F 15 -22.38 25.29 12.70
C PRO F 15 -20.87 25.48 12.86
N GLY F 16 -20.25 26.08 11.85
CA GLY F 16 -18.84 26.40 11.89
C GLY F 16 -17.97 25.29 11.32
N ARG F 17 -18.58 24.16 10.94
CA ARG F 17 -17.82 23.03 10.43
C ARG F 17 -18.39 22.57 9.08
N GLY F 18 -19.02 23.49 8.35
CA GLY F 18 -19.51 23.24 7.00
C GLY F 18 -21.01 22.94 6.95
N GLU F 19 -21.48 22.43 5.81
CA GLU F 19 -22.90 22.17 5.60
C GLU F 19 -23.32 20.96 6.41
N PRO F 20 -24.63 20.80 6.72
CA PRO F 20 -25.10 19.63 7.47
C PRO F 20 -24.65 18.31 6.85
N ARG F 21 -24.24 17.36 7.69
CA ARG F 21 -23.97 16.00 7.26
C ARG F 21 -25.30 15.35 6.92
N PHE F 22 -25.37 14.66 5.78
CA PHE F 22 -26.56 13.95 5.38
C PHE F 22 -26.16 12.53 4.99
N ILE F 23 -26.86 11.54 5.58
CA ILE F 23 -26.64 10.14 5.23
C ILE F 23 -28.00 9.47 5.07
N SER F 24 -28.14 8.74 3.95
CA SER F 24 -29.26 7.85 3.67
C SER F 24 -28.74 6.41 3.58
N VAL F 25 -29.41 5.48 4.27
CA VAL F 25 -29.11 4.05 4.15
C VAL F 25 -30.40 3.29 3.80
N GLY F 26 -30.28 2.34 2.88
CA GLY F 26 -31.39 1.47 2.50
C GLY F 26 -31.14 0.04 2.96
N TYR F 27 -32.22 -0.58 3.46
CA TYR F 27 -32.28 -1.98 3.84
C TYR F 27 -33.39 -2.71 3.11
N VAL F 28 -33.11 -3.97 2.74
CA VAL F 28 -34.14 -4.96 2.49
C VAL F 28 -34.07 -5.93 3.64
N ASP F 29 -35.18 -6.04 4.40
CA ASP F 29 -35.18 -6.78 5.65
C ASP F 29 -34.02 -6.31 6.52
N ASP F 30 -33.13 -7.24 6.91
CA ASP F 30 -32.00 -6.93 7.77
C ASP F 30 -30.72 -6.66 7.00
N THR F 31 -30.80 -6.50 5.67
CA THR F 31 -29.63 -6.40 4.82
C THR F 31 -29.51 -5.00 4.23
N GLN F 32 -28.44 -4.27 4.58
CA GLN F 32 -28.18 -2.98 3.98
C GLN F 32 -27.73 -3.18 2.54
N PHE F 33 -28.23 -2.37 1.59
CA PHE F 33 -27.89 -2.60 0.19
C PHE F 33 -27.38 -1.33 -0.51
N VAL F 34 -27.61 -0.13 0.05
CA VAL F 34 -27.17 1.12 -0.57
C VAL F 34 -26.88 2.13 0.54
N ARG F 35 -26.12 3.19 0.19
CA ARG F 35 -25.99 4.34 1.07
C ARG F 35 -25.63 5.56 0.23
N PHE F 36 -26.00 6.73 0.74
CA PHE F 36 -25.55 8.02 0.26
C PHE F 36 -25.01 8.80 1.45
N ASP F 37 -23.82 9.36 1.32
CA ASP F 37 -23.22 10.13 2.39
C ASP F 37 -22.59 11.36 1.77
N ASN F 38 -23.02 12.54 2.20
CA ASN F 38 -22.58 13.74 1.52
C ASN F 38 -21.22 14.24 2.05
N ASP F 39 -20.53 13.46 2.91
CA ASP F 39 -19.19 13.86 3.32
C ASP F 39 -18.15 13.42 2.29
N ALA F 40 -18.12 14.17 1.18
CA ALA F 40 -17.28 13.91 0.02
C ALA F 40 -17.59 14.99 -1.01
N ALA F 41 -16.60 15.28 -1.89
CA ALA F 41 -16.68 16.40 -2.82
C ALA F 41 -17.84 16.25 -3.80
N SER F 42 -17.97 15.06 -4.40
CA SER F 42 -19.04 14.77 -5.34
C SER F 42 -19.77 13.49 -4.88
N PRO F 43 -20.67 13.59 -3.88
CA PRO F 43 -21.17 12.39 -3.18
C PRO F 43 -22.21 11.66 -4.02
N ARG F 44 -22.22 10.32 -3.94
CA ARG F 44 -23.10 9.55 -4.82
C ARG F 44 -23.78 8.42 -4.03
N MET F 45 -24.98 8.02 -4.47
CA MET F 45 -25.51 6.75 -4.01
C MET F 45 -24.60 5.64 -4.53
N VAL F 46 -24.30 4.68 -3.65
CA VAL F 46 -23.34 3.62 -3.94
C VAL F 46 -23.89 2.31 -3.41
N PRO F 47 -23.51 1.19 -4.06
CA PRO F 47 -23.92 -0.14 -3.61
C PRO F 47 -23.23 -0.52 -2.31
N ARG F 48 -23.97 -1.22 -1.44
CA ARG F 48 -23.41 -1.70 -0.19
C ARG F 48 -23.72 -3.18 0.02
N ALA F 49 -24.17 -3.84 -1.05
CA ALA F 49 -24.35 -5.29 -1.05
C ALA F 49 -23.85 -5.81 -2.39
N PRO F 50 -23.27 -7.03 -2.44
CA PRO F 50 -22.69 -7.51 -3.70
C PRO F 50 -23.69 -7.62 -4.84
N TRP F 51 -24.94 -7.93 -4.49
CA TRP F 51 -25.95 -8.14 -5.51
C TRP F 51 -26.43 -6.83 -6.14
N MET F 52 -26.01 -5.66 -5.62
CA MET F 52 -26.33 -4.40 -6.26
C MET F 52 -25.21 -3.90 -7.17
N GLU F 53 -24.06 -4.59 -7.20
CA GLU F 53 -22.88 -4.07 -7.89
C GLU F 53 -23.05 -4.06 -9.42
N GLN F 54 -24.05 -4.77 -9.93
CA GLN F 54 -24.25 -4.87 -11.37
C GLN F 54 -25.32 -3.90 -11.90
N GLU F 55 -25.80 -2.95 -11.10
CA GLU F 55 -27.09 -2.32 -11.38
C GLU F 55 -27.09 -1.43 -12.62
N GLY F 56 -26.00 -0.72 -12.91
CA GLY F 56 -25.97 0.13 -14.08
C GLY F 56 -26.09 1.61 -13.74
N SER F 57 -25.50 2.46 -14.59
CA SER F 57 -25.28 3.86 -14.29
C SER F 57 -26.58 4.65 -14.22
N GLU F 58 -27.64 4.18 -14.90
CA GLU F 58 -28.91 4.90 -14.89
C GLU F 58 -29.53 4.87 -13.48
N TYR F 59 -29.43 3.72 -12.81
CA TYR F 59 -29.90 3.57 -11.43
C TYR F 59 -29.11 4.54 -10.54
N TRP F 60 -27.76 4.47 -10.60
CA TRP F 60 -26.94 5.23 -9.68
C TRP F 60 -27.09 6.72 -9.93
N ASP F 61 -27.28 7.14 -11.19
CA ASP F 61 -27.47 8.55 -11.47
C ASP F 61 -28.81 9.04 -10.94
N ARG F 62 -29.88 8.25 -11.14
CA ARG F 62 -31.19 8.62 -10.64
C ARG F 62 -31.19 8.76 -9.10
N GLU F 63 -30.67 7.72 -8.44
CA GLU F 63 -30.66 7.66 -6.99
C GLU F 63 -29.77 8.74 -6.39
N THR F 64 -28.66 9.07 -7.04
CA THR F 64 -27.80 10.15 -6.58
C THR F 64 -28.57 11.47 -6.64
N ARG F 65 -29.30 11.70 -7.73
CA ARG F 65 -30.08 12.93 -7.84
C ARG F 65 -31.16 13.02 -6.76
N SER F 66 -31.93 11.94 -6.55
CA SER F 66 -32.97 11.91 -5.52
C SER F 66 -32.38 12.18 -4.14
N ALA F 67 -31.22 11.59 -3.85
CA ALA F 67 -30.58 11.76 -2.55
C ALA F 67 -30.10 13.19 -2.37
N ARG F 68 -29.48 13.77 -3.42
CA ARG F 68 -29.01 15.14 -3.34
C ARG F 68 -30.20 16.09 -3.15
N ASP F 69 -31.32 15.83 -3.83
CA ASP F 69 -32.52 16.64 -3.68
C ASP F 69 -33.03 16.55 -2.23
N THR F 70 -32.98 15.34 -1.65
CA THR F 70 -33.43 15.12 -0.28
C THR F 70 -32.52 15.88 0.69
N ALA F 71 -31.20 15.79 0.47
CA ALA F 71 -30.24 16.44 1.35
C ALA F 71 -30.49 17.94 1.38
N GLN F 72 -30.80 18.51 0.21
CA GLN F 72 -31.10 19.93 0.08
C GLN F 72 -32.34 20.32 0.88
N ILE F 73 -33.40 19.52 0.76
CA ILE F 73 -34.63 19.78 1.50
C ILE F 73 -34.39 19.64 3.01
N PHE F 74 -33.62 18.63 3.43
CA PHE F 74 -33.34 18.48 4.84
C PHE F 74 -32.56 19.67 5.39
N ARG F 75 -31.62 20.21 4.61
CA ARG F 75 -30.89 21.39 5.07
C ARG F 75 -31.83 22.59 5.30
N VAL F 76 -32.81 22.80 4.41
CA VAL F 76 -33.77 23.88 4.54
C VAL F 76 -34.63 23.60 5.78
N ASN F 77 -35.03 22.34 5.94
CA ASN F 77 -35.86 21.94 7.07
C ASN F 77 -35.16 22.21 8.40
N LEU F 78 -33.85 21.95 8.51
CA LEU F 78 -33.09 22.21 9.74
C LEU F 78 -33.13 23.70 10.07
N ARG F 79 -32.98 24.56 9.07
CA ARG F 79 -33.08 25.99 9.31
C ARG F 79 -34.47 26.34 9.82
N THR F 80 -35.51 25.78 9.19
CA THR F 80 -36.87 26.13 9.54
C THR F 80 -37.17 25.75 11.00
N LEU F 81 -36.78 24.53 11.37
CA LEU F 81 -37.10 23.98 12.68
C LEU F 81 -36.45 24.82 13.77
N ARG F 82 -35.24 25.32 13.53
CA ARG F 82 -34.57 26.17 14.51
C ARG F 82 -35.43 27.43 14.73
N GLY F 83 -36.06 27.92 13.65
CA GLY F 83 -36.90 29.10 13.74
C GLY F 83 -38.20 28.80 14.48
N TYR F 84 -38.79 27.64 14.19
CA TYR F 84 -39.97 27.21 14.91
C TYR F 84 -39.68 27.17 16.42
N TYR F 85 -38.54 26.59 16.79
CA TYR F 85 -38.28 26.33 18.20
C TYR F 85 -37.46 27.43 18.85
N ASN F 86 -37.19 28.53 18.12
CA ASN F 86 -36.48 29.69 18.63
C ASN F 86 -35.09 29.28 19.17
N GLN F 87 -34.36 28.49 18.37
CA GLN F 87 -33.07 27.96 18.81
C GLN F 87 -31.96 28.78 18.15
N SER F 88 -30.81 28.87 18.80
CA SER F 88 -29.72 29.70 18.31
C SER F 88 -29.02 29.01 17.15
N GLU F 89 -28.22 29.78 16.43
CA GLU F 89 -27.52 29.27 15.27
C GLU F 89 -26.28 28.48 15.69
N ALA F 90 -25.93 28.49 17.00
CA ALA F 90 -24.67 27.91 17.47
C ALA F 90 -24.75 26.38 17.63
N GLY F 91 -25.94 25.84 17.94
CA GLY F 91 -26.03 24.44 18.35
C GLY F 91 -26.19 23.48 17.18
N SER F 92 -25.85 22.21 17.43
CA SER F 92 -26.10 21.14 16.47
C SER F 92 -27.49 20.51 16.68
N HIS F 93 -28.22 20.26 15.58
CA HIS F 93 -29.56 19.69 15.64
C HIS F 93 -29.68 18.56 14.62
N THR F 94 -30.66 17.65 14.85
CA THR F 94 -30.76 16.41 14.10
C THR F 94 -32.17 16.30 13.54
N LEU F 95 -32.24 15.89 12.27
CA LEU F 95 -33.49 15.57 11.62
C LEU F 95 -33.38 14.16 11.03
N GLN F 96 -34.32 13.30 11.43
CA GLN F 96 -34.33 11.92 10.98
C GLN F 96 -35.65 11.66 10.27
N TRP F 97 -35.59 10.82 9.23
CA TRP F 97 -36.75 10.39 8.47
C TRP F 97 -36.61 8.90 8.20
N MET F 98 -37.61 8.12 8.58
CA MET F 98 -37.63 6.71 8.24
C MET F 98 -38.95 6.39 7.53
N HIS F 99 -38.85 5.55 6.48
CA HIS F 99 -40.00 5.15 5.70
C HIS F 99 -39.78 3.72 5.22
N GLY F 100 -40.89 3.06 4.93
CA GLY F 100 -40.80 1.70 4.41
C GLY F 100 -42.13 1.17 3.94
N CYS F 101 -42.04 0.12 3.11
CA CYS F 101 -43.19 -0.67 2.74
C CYS F 101 -42.93 -2.12 3.12
N GLU F 102 -44.00 -2.83 3.51
CA GLU F 102 -43.94 -4.21 3.95
C GLU F 102 -44.86 -5.02 3.03
N LEU F 103 -44.37 -6.19 2.60
CA LEU F 103 -45.17 -7.23 1.99
C LEU F 103 -45.52 -8.29 3.04
N GLY F 104 -46.76 -8.80 3.01
CA GLY F 104 -47.13 -9.92 3.84
C GLY F 104 -46.60 -11.22 3.23
N PRO F 105 -46.89 -12.38 3.86
CA PRO F 105 -46.42 -13.68 3.39
C PRO F 105 -46.89 -14.05 1.98
N ASP F 106 -48.03 -13.46 1.56
CA ASP F 106 -48.67 -13.74 0.28
C ASP F 106 -48.11 -12.86 -0.83
N GLY F 107 -47.09 -12.06 -0.51
CA GLY F 107 -46.31 -11.37 -1.52
C GLY F 107 -46.92 -10.03 -1.95
N ARG F 108 -47.95 -9.57 -1.20
CA ARG F 108 -48.62 -8.33 -1.58
C ARG F 108 -48.42 -7.26 -0.51
N PHE F 109 -48.61 -6.02 -0.93
CA PHE F 109 -48.45 -4.88 -0.05
C PHE F 109 -49.32 -5.11 1.19
N LEU F 110 -48.72 -4.96 2.37
CA LEU F 110 -49.42 -5.03 3.65
C LEU F 110 -49.58 -3.63 4.26
N ARG F 111 -48.47 -2.91 4.41
CA ARG F 111 -48.45 -1.68 5.19
C ARG F 111 -47.32 -0.79 4.68
N GLY F 112 -47.52 0.54 4.77
CA GLY F 112 -46.47 1.52 4.55
C GLY F 112 -46.43 2.50 5.72
N TYR F 113 -45.25 3.11 5.94
CA TYR F 113 -45.09 3.96 7.09
C TYR F 113 -44.07 5.04 6.77
N GLU F 114 -44.25 6.18 7.45
CA GLU F 114 -43.27 7.24 7.39
C GLU F 114 -43.32 8.08 8.66
N GLN F 115 -42.13 8.43 9.19
CA GLN F 115 -42.05 9.19 10.41
C GLN F 115 -40.85 10.14 10.37
N PHE F 116 -41.02 11.34 10.94
CA PHE F 116 -39.92 12.25 11.18
C PHE F 116 -39.65 12.46 12.67
N ALA F 117 -38.38 12.69 13.01
CA ALA F 117 -37.98 13.06 14.36
C ALA F 117 -37.04 14.25 14.32
N TYR F 118 -37.18 15.13 15.31
CA TYR F 118 -36.29 16.28 15.44
C TYR F 118 -35.62 16.16 16.81
N ASP F 119 -34.29 16.21 16.84
CA ASP F 119 -33.54 16.08 18.08
C ASP F 119 -33.96 14.85 18.88
N GLY F 120 -34.19 13.74 18.16
CA GLY F 120 -34.21 12.41 18.76
C GLY F 120 -35.60 11.98 19.25
N LYS F 121 -36.65 12.74 18.91
CA LYS F 121 -38.00 12.38 19.32
C LYS F 121 -39.00 12.66 18.19
N ASP F 122 -40.14 11.98 18.26
CA ASP F 122 -41.20 12.09 17.27
C ASP F 122 -41.54 13.55 16.99
N TYR F 123 -41.77 13.83 15.70
CA TYR F 123 -42.15 15.16 15.25
C TYR F 123 -43.44 15.09 14.45
N LEU F 124 -43.41 14.39 13.31
CA LEU F 124 -44.51 14.32 12.38
C LEU F 124 -44.59 12.88 11.87
N THR F 125 -45.79 12.32 11.84
CA THR F 125 -46.00 10.93 11.46
C THR F 125 -47.06 10.85 10.37
N LEU F 126 -46.84 10.02 9.34
CA LEU F 126 -47.89 9.72 8.37
C LEU F 126 -48.87 8.74 9.01
N ASN F 127 -50.16 9.05 8.95
CA ASN F 127 -51.17 8.19 9.56
C ASN F 127 -51.29 6.93 8.72
N GLU F 128 -52.04 5.94 9.21
CA GLU F 128 -52.05 4.61 8.63
C GLU F 128 -52.81 4.61 7.29
N ASP F 129 -53.73 5.57 7.11
CA ASP F 129 -54.48 5.71 5.86
C ASP F 129 -53.62 6.29 4.75
N LEU F 130 -52.40 6.75 5.09
CA LEU F 130 -51.46 7.32 4.16
C LEU F 130 -52.04 8.57 3.48
N ARG F 131 -52.96 9.26 4.18
CA ARG F 131 -53.64 10.41 3.59
C ARG F 131 -53.67 11.62 4.53
N SER F 132 -53.06 11.50 5.71
CA SER F 132 -53.13 12.51 6.77
C SER F 132 -51.93 12.32 7.69
N TRP F 133 -51.62 13.34 8.50
CA TRP F 133 -50.46 13.35 9.38
C TRP F 133 -50.88 13.58 10.83
N THR F 134 -50.03 13.13 11.76
CA THR F 134 -50.17 13.46 13.17
C THR F 134 -48.95 14.28 13.62
N ALA F 135 -49.21 15.44 14.22
CA ALA F 135 -48.20 16.37 14.70
C ALA F 135 -48.11 16.29 16.21
N VAL F 136 -46.89 16.34 16.76
CA VAL F 136 -46.70 16.20 18.20
C VAL F 136 -46.95 17.51 18.95
N ASP F 137 -46.82 18.69 18.30
CA ASP F 137 -46.86 19.98 19.00
C ASP F 137 -47.20 21.08 18.00
N THR F 138 -47.19 22.35 18.42
CA THR F 138 -47.63 23.45 17.56
C THR F 138 -46.70 23.64 16.37
N ALA F 139 -45.41 23.34 16.54
CA ALA F 139 -44.45 23.48 15.45
C ALA F 139 -44.77 22.46 14.35
N ALA F 140 -44.96 21.20 14.77
CA ALA F 140 -45.27 20.15 13.82
C ALA F 140 -46.66 20.34 13.20
N GLN F 141 -47.58 21.05 13.87
CA GLN F 141 -48.87 21.40 13.26
C GLN F 141 -48.68 22.28 12.02
N ILE F 142 -47.70 23.17 12.05
CA ILE F 142 -47.36 23.98 10.88
C ILE F 142 -46.81 23.11 9.76
N SER F 143 -45.95 22.15 10.09
CA SER F 143 -45.45 21.21 9.11
C SER F 143 -46.60 20.41 8.50
N GLU F 144 -47.58 20.04 9.32
CA GLU F 144 -48.77 19.32 8.85
C GLU F 144 -49.58 20.17 7.88
N GLN F 145 -49.80 21.44 8.22
CA GLN F 145 -50.51 22.34 7.31
C GLN F 145 -49.79 22.50 5.97
N LYS F 146 -48.46 22.67 6.00
CA LYS F 146 -47.69 22.81 4.77
C LYS F 146 -47.84 21.55 3.92
N SER F 147 -47.79 20.39 4.57
CA SER F 147 -47.89 19.11 3.89
C SER F 147 -49.28 18.96 3.26
N ASN F 148 -50.34 19.39 3.98
CA ASN F 148 -51.71 19.38 3.48
C ASN F 148 -51.83 20.32 2.27
N ASP F 149 -51.22 21.51 2.34
CA ASP F 149 -51.23 22.50 1.26
C ASP F 149 -50.61 21.91 -0.02
N ALA F 150 -49.57 21.07 0.13
CA ALA F 150 -48.83 20.59 -1.02
C ALA F 150 -49.27 19.19 -1.43
N SER F 151 -50.32 18.64 -0.82
CA SER F 151 -50.70 17.23 -0.98
C SER F 151 -49.51 16.28 -0.87
N GLU F 152 -48.67 16.48 0.15
CA GLU F 152 -47.48 15.67 0.33
C GLU F 152 -47.87 14.20 0.57
N ALA F 153 -48.93 13.94 1.34
CA ALA F 153 -49.36 12.58 1.61
C ALA F 153 -49.65 11.83 0.31
N GLU F 154 -50.12 12.55 -0.70
CA GLU F 154 -50.40 11.96 -2.00
C GLU F 154 -49.11 11.45 -2.64
N HIS F 155 -48.06 12.27 -2.62
CA HIS F 155 -46.76 11.87 -3.14
C HIS F 155 -46.22 10.67 -2.36
N GLN F 156 -46.33 10.69 -1.03
CA GLN F 156 -45.79 9.62 -0.20
C GLN F 156 -46.59 8.33 -0.38
N ARG F 157 -47.91 8.43 -0.53
CA ARG F 157 -48.75 7.26 -0.74
C ARG F 157 -48.41 6.56 -2.06
N ALA F 158 -48.22 7.33 -3.14
CA ALA F 158 -47.85 6.76 -4.44
C ALA F 158 -46.53 6.01 -4.31
N TYR F 159 -45.56 6.61 -3.62
CA TYR F 159 -44.28 5.95 -3.37
C TYR F 159 -44.50 4.63 -2.61
N LEU F 160 -45.19 4.68 -1.48
CA LEU F 160 -45.23 3.55 -0.56
C LEU F 160 -46.05 2.40 -1.13
N GLU F 161 -47.14 2.74 -1.84
CA GLU F 161 -48.08 1.74 -2.36
C GLU F 161 -47.64 1.19 -3.71
N ASP F 162 -46.93 2.01 -4.51
CA ASP F 162 -46.59 1.63 -5.86
C ASP F 162 -45.08 1.42 -6.00
N THR F 163 -44.31 2.51 -5.95
CA THR F 163 -42.90 2.48 -6.31
C THR F 163 -42.15 1.55 -5.37
N CYS F 164 -42.40 1.70 -4.06
CA CYS F 164 -41.70 0.97 -3.03
C CYS F 164 -41.90 -0.54 -3.25
N VAL F 165 -43.15 -0.95 -3.55
CA VAL F 165 -43.49 -2.34 -3.73
C VAL F 165 -42.84 -2.90 -5.00
N GLU F 166 -42.92 -2.14 -6.10
CA GLU F 166 -42.30 -2.54 -7.35
C GLU F 166 -40.83 -2.84 -7.11
N TRP F 167 -40.13 -1.95 -6.41
CA TRP F 167 -38.68 -2.08 -6.29
C TRP F 167 -38.32 -3.14 -5.26
N LEU F 168 -39.13 -3.30 -4.22
CA LEU F 168 -38.92 -4.38 -3.24
C LEU F 168 -38.90 -5.72 -3.96
N HIS F 169 -39.89 -5.96 -4.84
CA HIS F 169 -39.91 -7.20 -5.60
C HIS F 169 -38.64 -7.36 -6.42
N LYS F 170 -38.19 -6.30 -7.08
CA LYS F 170 -36.98 -6.37 -7.88
C LYS F 170 -35.78 -6.71 -7.02
N TYR F 171 -35.61 -6.06 -5.86
CA TYR F 171 -34.46 -6.29 -5.00
C TYR F 171 -34.46 -7.71 -4.45
N LEU F 172 -35.63 -8.25 -4.12
CA LEU F 172 -35.72 -9.61 -3.62
C LEU F 172 -35.24 -10.61 -4.65
N GLU F 173 -35.53 -10.35 -5.94
CA GLU F 173 -35.06 -11.20 -7.03
C GLU F 173 -33.56 -11.03 -7.26
N LYS F 174 -33.06 -9.78 -7.34
CA LYS F 174 -31.64 -9.54 -7.54
C LYS F 174 -30.81 -10.16 -6.42
N GLY F 175 -31.35 -10.20 -5.20
CA GLY F 175 -30.57 -10.60 -4.05
C GLY F 175 -31.02 -11.93 -3.44
N LYS F 176 -31.76 -12.75 -4.20
CA LYS F 176 -32.52 -13.85 -3.62
C LYS F 176 -31.62 -14.88 -2.94
N GLU F 177 -30.42 -15.10 -3.49
CA GLU F 177 -29.52 -16.13 -3.00
C GLU F 177 -29.18 -15.89 -1.53
N THR F 178 -29.24 -14.62 -1.08
CA THR F 178 -28.98 -14.28 0.31
C THR F 178 -30.25 -13.78 1.02
N LEU F 179 -31.06 -12.93 0.36
CA LEU F 179 -32.23 -12.35 1.03
C LEU F 179 -33.24 -13.43 1.36
N LEU F 180 -33.40 -14.44 0.48
CA LEU F 180 -34.40 -15.47 0.69
C LEU F 180 -33.80 -16.69 1.39
N HIS F 181 -32.53 -16.59 1.83
CA HIS F 181 -31.87 -17.69 2.51
C HIS F 181 -31.96 -17.51 4.03
N LEU F 182 -32.37 -18.57 4.73
CA LEU F 182 -32.41 -18.55 6.17
C LEU F 182 -31.16 -19.25 6.67
N GLU F 183 -30.27 -18.50 7.34
CA GLU F 183 -29.02 -19.05 7.84
C GLU F 183 -29.20 -19.37 9.32
N PRO F 184 -29.24 -20.66 9.74
CA PRO F 184 -29.41 -21.00 11.15
C PRO F 184 -28.21 -20.59 11.99
N PRO F 185 -28.38 -20.37 13.31
CA PRO F 185 -27.24 -20.10 14.19
C PRO F 185 -26.42 -21.36 14.42
N LYS F 186 -25.10 -21.19 14.50
CA LYS F 186 -24.22 -22.18 15.08
C LYS F 186 -24.17 -21.92 16.57
N THR F 187 -24.47 -22.95 17.38
CA THR F 187 -24.65 -22.74 18.81
C THR F 187 -23.65 -23.59 19.61
N HIS F 188 -23.18 -23.07 20.74
CA HIS F 188 -22.38 -23.84 21.67
C HIS F 188 -22.45 -23.18 23.04
N VAL F 189 -22.05 -23.93 24.07
CA VAL F 189 -21.97 -23.41 25.42
C VAL F 189 -20.50 -23.26 25.83
N THR F 190 -20.19 -22.17 26.56
CA THR F 190 -18.90 -22.01 27.23
C THR F 190 -19.10 -22.03 28.75
N HIS F 191 -18.03 -22.37 29.46
CA HIS F 191 -18.10 -22.67 30.89
C HIS F 191 -16.86 -22.12 31.55
N HIS F 192 -17.07 -21.23 32.52
CA HIS F 192 -15.99 -20.50 33.14
C HIS F 192 -16.26 -20.48 34.64
N PRO F 193 -15.48 -21.21 35.48
CA PRO F 193 -15.59 -21.09 36.94
C PRO F 193 -15.33 -19.65 37.42
N ILE F 194 -16.08 -19.23 38.45
CA ILE F 194 -15.94 -17.91 39.05
C ILE F 194 -15.35 -18.02 40.46
N SER F 195 -15.60 -19.15 41.13
CA SER F 195 -15.19 -19.34 42.51
C SER F 195 -15.21 -20.83 42.83
N ASP F 196 -14.84 -21.17 44.07
CA ASP F 196 -14.98 -22.53 44.58
C ASP F 196 -16.32 -23.13 44.17
N HIS F 197 -17.39 -22.33 44.20
CA HIS F 197 -18.74 -22.89 44.20
C HIS F 197 -19.67 -22.33 43.11
N GLU F 198 -19.18 -21.44 42.21
CA GLU F 198 -20.03 -20.91 41.15
C GLU F 198 -19.30 -20.95 39.81
N ALA F 199 -20.07 -21.12 38.72
CA ALA F 199 -19.53 -21.02 37.37
C ALA F 199 -20.52 -20.33 36.44
N THR F 200 -19.99 -19.67 35.40
CA THR F 200 -20.82 -19.09 34.35
C THR F 200 -21.05 -20.11 33.25
N LEU F 201 -22.31 -20.25 32.83
CA LEU F 201 -22.66 -20.90 31.58
C LEU F 201 -23.12 -19.82 30.61
N ARG F 202 -22.50 -19.79 29.44
CA ARG F 202 -22.86 -18.83 28.41
C ARG F 202 -23.24 -19.61 27.16
N CYS F 203 -24.41 -19.29 26.64
CA CYS F 203 -24.96 -19.94 25.47
C CYS F 203 -24.84 -18.97 24.29
N TRP F 204 -24.19 -19.44 23.23
CA TRP F 204 -23.80 -18.64 22.08
C TRP F 204 -24.58 -19.04 20.84
N ALA F 205 -25.04 -18.02 20.09
CA ALA F 205 -25.64 -18.23 18.78
C ALA F 205 -24.88 -17.33 17.81
N LEU F 206 -24.28 -17.93 16.79
CA LEU F 206 -23.36 -17.20 15.93
C LEU F 206 -23.74 -17.45 14.48
N GLY F 207 -23.61 -16.41 13.65
CA GLY F 207 -23.65 -16.55 12.20
C GLY F 207 -25.05 -16.72 11.62
N PHE F 208 -26.08 -16.16 12.28
CA PHE F 208 -27.46 -16.40 11.89
C PHE F 208 -28.01 -15.19 11.11
N TYR F 209 -29.04 -15.47 10.31
CA TYR F 209 -29.74 -14.47 9.52
C TYR F 209 -31.14 -15.02 9.24
N PRO F 210 -32.24 -14.27 9.47
CA PRO F 210 -32.19 -12.86 9.92
C PRO F 210 -31.89 -12.67 11.41
N ALA F 211 -31.98 -11.41 11.88
CA ALA F 211 -31.49 -11.03 13.20
C ALA F 211 -32.38 -11.55 14.34
N GLU F 212 -33.66 -11.77 14.06
CA GLU F 212 -34.63 -12.21 15.07
C GLU F 212 -34.25 -13.59 15.60
N ILE F 213 -34.15 -13.70 16.94
CA ILE F 213 -33.79 -14.94 17.62
C ILE F 213 -34.28 -14.87 19.06
N THR F 214 -34.47 -16.04 19.69
CA THR F 214 -34.71 -16.09 21.13
C THR F 214 -33.73 -17.07 21.78
N LEU F 215 -33.06 -16.61 22.83
CA LEU F 215 -32.15 -17.39 23.65
C LEU F 215 -32.68 -17.38 25.09
N THR F 216 -32.85 -18.58 25.68
CA THR F 216 -33.36 -18.71 27.03
C THR F 216 -32.55 -19.79 27.75
N TRP F 217 -32.40 -19.60 29.07
CA TRP F 217 -31.93 -20.66 29.94
C TRP F 217 -33.08 -21.17 30.79
N GLN F 218 -33.10 -22.50 31.01
CA GLN F 218 -34.08 -23.19 31.83
C GLN F 218 -33.35 -24.09 32.83
N GLN F 219 -33.80 -24.09 34.09
CA GLN F 219 -33.13 -24.80 35.17
C GLN F 219 -33.82 -26.14 35.41
N THR F 225 -37.69 -19.03 31.39
CA THR F 225 -37.81 -19.73 32.69
C THR F 225 -36.81 -19.18 33.72
N GLN F 226 -35.56 -18.82 33.34
CA GLN F 226 -34.70 -18.03 34.24
C GLN F 226 -34.36 -16.66 33.65
N ASP F 227 -34.24 -15.64 34.50
CA ASP F 227 -33.71 -14.36 34.07
C ASP F 227 -32.21 -14.52 33.79
N THR F 228 -31.73 -13.93 32.69
CA THR F 228 -30.35 -14.09 32.25
C THR F 228 -29.65 -12.74 32.02
N GLU F 229 -28.33 -12.82 31.89
CA GLU F 229 -27.52 -11.76 31.31
C GLU F 229 -27.56 -11.95 29.79
N LEU F 230 -28.11 -10.95 29.09
CA LEU F 230 -28.44 -11.10 27.68
C LEU F 230 -27.95 -9.89 26.90
N VAL F 231 -27.01 -10.10 25.96
CA VAL F 231 -26.50 -8.98 25.17
C VAL F 231 -27.45 -8.69 24.02
N GLU F 232 -27.45 -7.43 23.56
CA GLU F 232 -28.21 -7.04 22.38
C GLU F 232 -27.67 -7.84 21.19
N THR F 233 -28.55 -8.25 20.28
CA THR F 233 -28.12 -8.90 19.06
C THR F 233 -27.21 -7.95 18.30
N ARG F 234 -26.10 -8.49 17.79
CA ARG F 234 -25.03 -7.64 17.31
C ARG F 234 -24.59 -8.17 15.95
N PRO F 235 -24.16 -7.28 15.02
CA PRO F 235 -23.71 -7.71 13.69
C PRO F 235 -22.29 -8.30 13.74
N ALA F 236 -22.11 -9.39 12.98
CA ALA F 236 -20.82 -10.04 12.90
C ALA F 236 -19.90 -9.28 11.95
N GLY F 237 -20.51 -8.52 11.02
CA GLY F 237 -19.78 -7.71 10.05
C GLY F 237 -19.81 -8.30 8.65
N ASP F 238 -20.33 -9.54 8.51
CA ASP F 238 -20.39 -10.23 7.23
C ASP F 238 -21.84 -10.37 6.79
N GLY F 239 -22.76 -9.66 7.46
CA GLY F 239 -24.18 -9.74 7.12
C GLY F 239 -24.96 -10.71 8.02
N THR F 240 -24.27 -11.41 8.93
CA THR F 240 -24.92 -12.27 9.91
C THR F 240 -24.87 -11.61 11.27
N PHE F 241 -25.50 -12.28 12.26
CA PHE F 241 -25.69 -11.72 13.57
C PHE F 241 -25.19 -12.68 14.64
N GLN F 242 -25.00 -12.13 15.84
CA GLN F 242 -24.58 -12.90 17.00
C GLN F 242 -25.41 -12.52 18.22
N LYS F 243 -25.48 -13.44 19.19
CA LYS F 243 -26.08 -13.14 20.48
C LYS F 243 -25.60 -14.19 21.49
N TRP F 244 -25.57 -13.82 22.77
CA TRP F 244 -25.39 -14.80 23.82
C TRP F 244 -26.21 -14.46 25.06
N ALA F 245 -26.41 -15.49 25.89
CA ALA F 245 -27.11 -15.38 27.16
C ALA F 245 -26.32 -16.17 28.20
N ALA F 246 -26.16 -15.60 29.41
CA ALA F 246 -25.40 -16.27 30.46
C ALA F 246 -26.15 -16.32 31.80
N VAL F 247 -25.83 -17.38 32.56
CA VAL F 247 -26.32 -17.56 33.91
C VAL F 247 -25.15 -17.97 34.79
N VAL F 248 -25.23 -17.64 36.06
CA VAL F 248 -24.27 -18.10 37.05
C VAL F 248 -24.92 -19.22 37.84
N VAL F 249 -24.27 -20.38 37.89
CA VAL F 249 -24.89 -21.58 38.44
C VAL F 249 -24.00 -22.18 39.52
N PRO F 250 -24.58 -22.95 40.47
CA PRO F 250 -23.78 -23.71 41.43
C PRO F 250 -22.82 -24.67 40.71
N SER F 251 -21.55 -24.60 41.10
CA SER F 251 -20.55 -25.48 40.56
C SER F 251 -20.98 -26.92 40.82
N GLY F 252 -20.96 -27.76 39.77
CA GLY F 252 -21.36 -29.15 39.87
C GLY F 252 -22.85 -29.40 39.63
N GLU F 253 -23.61 -28.35 39.26
CA GLU F 253 -25.02 -28.51 38.91
C GLU F 253 -25.30 -28.09 37.48
N GLU F 254 -24.24 -28.02 36.66
CA GLU F 254 -24.35 -27.49 35.31
C GLU F 254 -25.32 -28.31 34.47
N GLN F 255 -25.39 -29.63 34.75
CA GLN F 255 -26.21 -30.53 33.96
C GLN F 255 -27.70 -30.21 34.10
N ARG F 256 -28.08 -29.45 35.13
CA ARG F 256 -29.48 -29.10 35.38
C ARG F 256 -29.98 -27.99 34.44
N TYR F 257 -29.08 -27.37 33.68
CA TYR F 257 -29.42 -26.18 32.91
C TYR F 257 -29.36 -26.49 31.42
N THR F 258 -30.39 -26.04 30.70
CA THR F 258 -30.50 -26.18 29.27
C THR F 258 -30.71 -24.81 28.62
N CYS F 259 -29.91 -24.54 27.58
CA CYS F 259 -30.11 -23.39 26.70
C CYS F 259 -31.03 -23.78 25.55
N HIS F 260 -32.05 -22.94 25.29
CA HIS F 260 -32.98 -23.13 24.19
C HIS F 260 -32.82 -21.97 23.20
N VAL F 261 -32.72 -22.33 21.91
CA VAL F 261 -32.46 -21.38 20.84
C VAL F 261 -33.57 -21.56 19.79
N GLN F 262 -34.30 -20.47 19.54
CA GLN F 262 -35.33 -20.45 18.52
C GLN F 262 -34.92 -19.44 17.45
N HIS F 263 -35.04 -19.89 16.20
CA HIS F 263 -34.66 -19.11 15.04
C HIS F 263 -35.40 -19.69 13.83
N GLU F 264 -35.83 -18.83 12.91
CA GLU F 264 -36.59 -19.21 11.73
C GLU F 264 -35.81 -20.20 10.86
N GLY F 265 -34.47 -20.15 10.93
CA GLY F 265 -33.61 -21.02 10.14
C GLY F 265 -33.52 -22.43 10.71
N LEU F 266 -33.99 -22.63 11.94
CA LEU F 266 -33.93 -23.93 12.58
C LEU F 266 -35.24 -24.67 12.31
N PRO F 267 -35.19 -25.86 11.68
CA PRO F 267 -36.40 -26.65 11.46
C PRO F 267 -37.13 -26.87 12.79
N GLU F 268 -36.33 -27.16 13.83
CA GLU F 268 -36.81 -27.37 15.18
C GLU F 268 -35.96 -26.56 16.15
N PRO F 269 -36.54 -26.03 17.26
CA PRO F 269 -35.76 -25.34 18.29
C PRO F 269 -34.62 -26.23 18.79
N VAL F 270 -33.50 -25.62 19.15
CA VAL F 270 -32.31 -26.37 19.55
C VAL F 270 -32.15 -26.26 21.07
N THR F 271 -31.76 -27.36 21.71
CA THR F 271 -31.43 -27.35 23.12
C THR F 271 -29.97 -27.80 23.28
N LEU F 272 -29.21 -27.11 24.14
CA LEU F 272 -27.81 -27.42 24.40
C LEU F 272 -27.63 -27.48 25.91
N ARG F 273 -26.77 -28.40 26.35
CA ARG F 273 -26.36 -28.49 27.74
C ARG F 273 -24.84 -28.55 27.82
N TRP F 274 -24.31 -28.17 29.00
CA TRP F 274 -22.92 -28.41 29.35
C TRP F 274 -22.81 -29.72 30.11
N MET G 1 -31.34 19.19 25.46
CA MET G 1 -32.18 18.20 24.72
C MET G 1 -31.81 16.80 25.19
N ILE G 2 -32.51 15.81 24.63
CA ILE G 2 -32.21 14.39 24.75
C ILE G 2 -30.72 14.13 24.56
N GLN G 3 -30.10 13.40 25.52
CA GLN G 3 -28.80 12.77 25.33
C GLN G 3 -28.91 11.32 25.77
N ARG G 4 -28.40 10.36 24.98
CA ARG G 4 -28.42 8.96 25.37
C ARG G 4 -27.04 8.33 25.23
N THR G 5 -26.61 7.62 26.28
CA THR G 5 -25.26 7.11 26.41
C THR G 5 -25.15 5.85 25.56
N PRO G 6 -24.10 5.67 24.76
CA PRO G 6 -23.95 4.46 23.97
C PRO G 6 -23.72 3.23 24.85
N LYS G 7 -24.33 2.12 24.44
CA LYS G 7 -23.88 0.78 24.79
C LYS G 7 -22.73 0.43 23.87
N ILE G 8 -21.76 -0.31 24.41
CA ILE G 8 -20.54 -0.68 23.70
C ILE G 8 -20.34 -2.19 23.83
N GLN G 9 -20.21 -2.89 22.70
CA GLN G 9 -19.74 -4.26 22.73
C GLN G 9 -18.48 -4.39 21.87
N VAL G 10 -17.47 -5.09 22.38
CA VAL G 10 -16.24 -5.38 21.67
C VAL G 10 -16.09 -6.88 21.55
N TYR G 11 -15.88 -7.37 20.32
CA TYR G 11 -15.94 -8.81 20.08
C TYR G 11 -15.31 -9.13 18.74
N SER G 12 -15.09 -10.42 18.48
CA SER G 12 -14.55 -10.83 17.21
C SER G 12 -15.68 -11.41 16.36
N ARG G 13 -15.50 -11.37 15.05
CA ARG G 13 -16.44 -11.90 14.08
C ARG G 13 -16.60 -13.41 14.23
N HIS G 14 -15.47 -14.11 14.41
CA HIS G 14 -15.45 -15.55 14.66
C HIS G 14 -14.84 -15.81 16.03
N PRO G 15 -15.12 -16.97 16.68
CA PRO G 15 -14.42 -17.32 17.90
C PRO G 15 -12.91 -17.30 17.61
N ALA G 16 -12.16 -16.73 18.54
CA ALA G 16 -10.77 -16.33 18.32
C ALA G 16 -9.83 -17.49 18.60
N GLU G 17 -8.95 -17.77 17.62
CA GLU G 17 -7.82 -18.67 17.79
C GLU G 17 -6.52 -17.89 17.53
N ASN G 18 -5.65 -17.81 18.55
CA ASN G 18 -4.37 -17.14 18.40
C ASN G 18 -3.70 -17.62 17.12
N GLY G 19 -3.31 -16.67 16.25
CA GLY G 19 -2.55 -16.95 15.04
C GLY G 19 -3.41 -17.13 13.79
N LYS G 20 -4.73 -16.97 13.90
CA LYS G 20 -5.64 -17.13 12.77
C LYS G 20 -6.35 -15.81 12.50
N SER G 21 -6.38 -15.40 11.22
CA SER G 21 -6.94 -14.10 10.83
C SER G 21 -8.45 -14.02 11.14
N ASN G 22 -8.88 -12.83 11.58
CA ASN G 22 -10.19 -12.63 12.17
C ASN G 22 -10.55 -11.14 11.98
N PHE G 23 -11.68 -10.71 12.54
CA PHE G 23 -12.07 -9.31 12.48
C PHE G 23 -12.43 -8.88 13.89
N LEU G 24 -11.87 -7.76 14.34
CA LEU G 24 -12.20 -7.18 15.64
C LEU G 24 -13.30 -6.16 15.43
N ASN G 25 -14.37 -6.24 16.22
CA ASN G 25 -15.54 -5.40 16.04
C ASN G 25 -15.82 -4.59 17.29
N CYS G 26 -16.19 -3.32 17.07
CA CYS G 26 -16.74 -2.51 18.15
C CYS G 26 -18.11 -2.00 17.70
N TYR G 27 -19.16 -2.47 18.38
CA TYR G 27 -20.52 -2.08 18.10
C TYR G 27 -21.00 -1.08 19.15
N VAL G 28 -21.41 0.11 18.68
CA VAL G 28 -21.93 1.17 19.52
C VAL G 28 -23.39 1.40 19.14
N SER G 29 -24.30 1.46 20.12
CA SER G 29 -25.71 1.52 19.83
C SER G 29 -26.45 2.31 20.91
N GLY G 30 -27.68 2.72 20.58
CA GLY G 30 -28.58 3.34 21.52
C GLY G 30 -28.14 4.76 21.92
N PHE G 31 -27.40 5.47 21.07
CA PHE G 31 -26.90 6.77 21.48
C PHE G 31 -27.56 7.93 20.73
N HIS G 32 -27.48 9.10 21.37
CA HIS G 32 -27.92 10.36 20.78
C HIS G 32 -27.21 11.47 21.56
N PRO G 33 -26.70 12.53 20.90
CA PRO G 33 -26.76 12.70 19.44
C PRO G 33 -25.80 11.78 18.67
N SER G 34 -25.75 11.95 17.34
CA SER G 34 -25.09 11.00 16.45
C SER G 34 -23.58 11.16 16.39
N ASP G 35 -23.07 12.32 16.81
CA ASP G 35 -21.64 12.59 16.77
C ASP G 35 -20.91 11.65 17.73
N ILE G 36 -19.98 10.85 17.22
CA ILE G 36 -19.32 9.86 18.06
C ILE G 36 -17.99 9.53 17.40
N GLU G 37 -16.96 9.22 18.18
CA GLU G 37 -15.75 8.66 17.60
C GLU G 37 -15.48 7.32 18.26
N VAL G 38 -15.09 6.37 17.42
CA VAL G 38 -14.84 5.01 17.85
C VAL G 38 -13.48 4.60 17.27
N ASP G 39 -12.55 4.24 18.16
CA ASP G 39 -11.21 3.88 17.75
C ASP G 39 -10.87 2.52 18.33
N LEU G 40 -10.28 1.66 17.52
CA LEU G 40 -9.81 0.36 17.97
C LEU G 40 -8.33 0.51 18.37
N LEU G 41 -7.98 -0.05 19.54
CA LEU G 41 -6.63 0.06 20.08
C LEU G 41 -5.99 -1.33 20.14
N LYS G 42 -4.71 -1.38 19.78
CA LYS G 42 -3.85 -2.55 20.01
C LYS G 42 -2.69 -2.14 20.92
N ASN G 43 -2.55 -2.83 22.06
CA ASN G 43 -1.57 -2.50 23.09
C ASN G 43 -1.56 -1.00 23.36
N GLY G 44 -2.76 -0.41 23.46
CA GLY G 44 -2.93 0.99 23.85
C GLY G 44 -2.84 1.98 22.69
N GLU G 45 -2.51 1.53 21.47
CA GLU G 45 -2.26 2.43 20.35
C GLU G 45 -3.33 2.30 19.27
N ARG G 46 -3.78 3.44 18.73
CA ARG G 46 -4.92 3.45 17.82
C ARG G 46 -4.52 2.80 16.50
N ILE G 47 -5.37 1.89 16.02
CA ILE G 47 -5.15 1.22 14.75
C ILE G 47 -5.60 2.15 13.63
N GLU G 48 -4.79 2.26 12.58
CA GLU G 48 -4.97 3.28 11.56
C GLU G 48 -6.03 2.81 10.56
N LYS G 49 -6.02 1.52 10.24
CA LYS G 49 -6.93 0.97 9.24
C LYS G 49 -8.17 0.41 9.91
N VAL G 50 -9.13 1.28 10.21
CA VAL G 50 -10.41 0.85 10.77
C VAL G 50 -11.49 1.34 9.82
N GLU G 51 -12.49 0.48 9.57
CA GLU G 51 -13.64 0.80 8.74
C GLU G 51 -14.89 0.85 9.61
N HIS G 52 -15.97 1.47 9.08
CA HIS G 52 -17.22 1.53 9.82
C HIS G 52 -18.42 1.39 8.90
N SER G 53 -19.54 0.96 9.50
CA SER G 53 -20.82 0.84 8.84
C SER G 53 -21.42 2.24 8.64
N ASP G 54 -22.45 2.34 7.83
CA ASP G 54 -23.11 3.61 7.58
C ASP G 54 -24.10 3.89 8.71
N LEU G 55 -24.05 5.12 9.22
CA LEU G 55 -24.89 5.55 10.33
C LEU G 55 -26.34 5.23 10.01
N SER G 56 -26.97 4.53 10.95
CA SER G 56 -28.38 4.18 10.85
C SER G 56 -28.98 4.26 12.26
N PHE G 57 -30.28 4.02 12.38
CA PHE G 57 -30.93 4.14 13.67
C PHE G 57 -32.06 3.16 13.81
N SER G 58 -32.46 2.95 15.08
CA SER G 58 -33.47 2.02 15.48
C SER G 58 -34.83 2.71 15.51
N LYS G 59 -35.88 1.92 15.74
CA LYS G 59 -37.25 2.41 15.84
C LYS G 59 -37.40 3.54 16.86
N ASP G 60 -36.59 3.49 17.93
CA ASP G 60 -36.64 4.50 18.98
C ASP G 60 -35.82 5.76 18.64
N TRP G 61 -35.26 5.83 17.41
CA TRP G 61 -34.50 6.96 16.89
C TRP G 61 -33.02 6.94 17.32
N SER G 62 -32.64 6.04 18.23
CA SER G 62 -31.26 6.01 18.70
C SER G 62 -30.36 5.40 17.63
N PHE G 63 -29.10 5.89 17.55
CA PHE G 63 -28.16 5.56 16.49
C PHE G 63 -27.34 4.30 16.81
N TYR G 64 -26.85 3.65 15.74
CA TYR G 64 -25.93 2.53 15.88
C TYR G 64 -24.93 2.52 14.74
N LEU G 65 -23.71 2.06 15.07
CA LEU G 65 -22.57 1.95 14.17
C LEU G 65 -21.77 0.70 14.52
N LEU G 66 -21.15 0.09 13.50
CA LEU G 66 -20.15 -0.95 13.71
C LEU G 66 -18.80 -0.47 13.16
N TYR G 67 -17.75 -0.54 14.00
CA TYR G 67 -16.38 -0.26 13.58
C TYR G 67 -15.60 -1.56 13.61
N TYR G 68 -14.71 -1.77 12.62
CA TYR G 68 -14.10 -3.09 12.51
C TYR G 68 -12.75 -3.00 11.79
N THR G 69 -11.90 -4.00 12.06
CA THR G 69 -10.59 -4.10 11.44
C THR G 69 -10.19 -5.57 11.38
N GLU G 70 -9.52 -5.98 10.29
CA GLU G 70 -8.91 -7.31 10.20
C GLU G 70 -7.79 -7.38 11.23
N PHE G 71 -7.64 -8.53 11.90
CA PHE G 71 -6.59 -8.69 12.88
C PHE G 71 -6.25 -10.17 13.04
N THR G 72 -5.04 -10.44 13.55
CA THR G 72 -4.65 -11.78 13.95
C THR G 72 -4.37 -11.82 15.46
N PRO G 73 -5.31 -12.34 16.28
CA PRO G 73 -5.12 -12.42 17.72
C PRO G 73 -3.85 -13.18 18.11
N THR G 74 -3.15 -12.68 19.12
CA THR G 74 -2.09 -13.44 19.77
C THR G 74 -2.37 -13.38 21.27
N GLU G 75 -1.69 -14.25 22.01
CA GLU G 75 -1.83 -14.29 23.45
C GLU G 75 -1.41 -12.95 24.06
N LYS G 76 -0.31 -12.38 23.56
CA LYS G 76 0.31 -11.21 24.17
C LYS G 76 -0.50 -9.92 23.92
N ASP G 77 -1.15 -9.82 22.76
CA ASP G 77 -1.70 -8.53 22.33
C ASP G 77 -3.01 -8.26 23.05
N GLU G 78 -3.14 -7.01 23.53
CA GLU G 78 -4.36 -6.52 24.18
C GLU G 78 -5.08 -5.58 23.23
N TYR G 79 -6.36 -5.84 22.99
CA TYR G 79 -7.20 -5.02 22.13
C TYR G 79 -8.30 -4.35 22.94
N ALA G 80 -8.76 -3.20 22.45
CA ALA G 80 -9.80 -2.47 23.14
C ALA G 80 -10.46 -1.52 22.14
N CYS G 81 -11.62 -1.01 22.53
CA CYS G 81 -12.31 0.02 21.80
C CYS G 81 -12.37 1.29 22.67
N ARG G 82 -12.04 2.45 22.07
CA ARG G 82 -12.16 3.75 22.74
C ARG G 82 -13.31 4.56 22.13
N VAL G 83 -14.29 4.94 22.96
CA VAL G 83 -15.47 5.63 22.50
C VAL G 83 -15.50 7.06 23.06
N ASN G 84 -15.66 8.02 22.16
CA ASN G 84 -15.72 9.45 22.46
C ASN G 84 -17.14 9.92 22.15
N HIS G 85 -17.87 10.37 23.18
CA HIS G 85 -19.24 10.85 23.05
C HIS G 85 -19.51 11.85 24.15
N VAL G 86 -20.42 12.80 23.88
CA VAL G 86 -20.74 13.88 24.80
C VAL G 86 -21.30 13.35 26.12
N THR G 87 -21.87 12.13 26.15
CA THR G 87 -22.48 11.62 27.38
C THR G 87 -21.43 11.07 28.34
N LEU G 88 -20.17 10.96 27.92
CA LEU G 88 -19.14 10.31 28.71
C LEU G 88 -18.25 11.36 29.37
N SER G 89 -17.79 11.10 30.60
CA SER G 89 -16.96 12.06 31.31
C SER G 89 -15.60 12.22 30.61
N GLN G 90 -15.13 11.13 30.02
CA GLN G 90 -13.92 11.12 29.23
C GLN G 90 -14.02 9.91 28.33
N PRO G 91 -13.21 9.79 27.27
CA PRO G 91 -13.30 8.65 26.35
C PRO G 91 -13.26 7.35 27.14
N LYS G 92 -14.12 6.40 26.76
CA LYS G 92 -14.27 5.16 27.50
C LYS G 92 -13.57 4.03 26.76
N ILE G 93 -12.74 3.28 27.47
CA ILE G 93 -11.99 2.19 26.88
C ILE G 93 -12.62 0.88 27.35
N VAL G 94 -13.07 0.07 26.40
CA VAL G 94 -13.63 -1.23 26.71
C VAL G 94 -12.70 -2.30 26.14
N LYS G 95 -12.19 -3.15 27.02
CA LYS G 95 -11.24 -4.18 26.60
C LYS G 95 -11.98 -5.30 25.89
N TRP G 96 -11.31 -5.88 24.91
CA TRP G 96 -11.79 -7.08 24.25
C TRP G 96 -11.59 -8.27 25.19
N ASP G 97 -12.67 -8.99 25.46
CA ASP G 97 -12.65 -10.22 26.23
C ASP G 97 -13.19 -11.32 25.31
N ARG G 98 -12.35 -12.32 25.03
CA ARG G 98 -12.69 -13.39 24.10
C ARG G 98 -13.94 -14.17 24.52
N ASP G 99 -14.28 -14.12 25.80
CA ASP G 99 -15.42 -14.85 26.32
C ASP G 99 -16.69 -14.00 26.29
N MET G 100 -16.69 -12.85 25.59
CA MET G 100 -17.86 -11.98 25.59
C MET G 100 -18.20 -11.40 24.19
N VAL H 1 -35.52 2.03 -4.13
CA VAL H 1 -35.29 3.45 -4.51
C VAL H 1 -35.94 4.36 -3.49
N ILE H 2 -35.43 5.59 -3.39
CA ILE H 2 -35.98 6.55 -2.44
C ILE H 2 -37.08 7.38 -3.10
N PRO H 3 -37.97 7.99 -2.28
CA PRO H 3 -39.09 8.77 -2.81
C PRO H 3 -38.59 9.92 -3.65
N LEU H 4 -39.34 10.25 -4.70
CA LEU H 4 -39.02 11.39 -5.56
C LEU H 4 -39.43 12.73 -4.94
N SER H 5 -40.20 12.71 -3.85
CA SER H 5 -40.58 13.91 -3.12
C SER H 5 -40.10 13.79 -1.67
N ALA H 6 -39.43 14.80 -1.14
CA ALA H 6 -39.12 14.81 0.29
C ALA H 6 -39.92 15.93 0.94
N PRO H 7 -40.72 15.67 2.00
CA PRO H 7 -41.55 16.69 2.59
C PRO H 7 -40.79 17.91 3.10
N THR H 8 -41.30 19.09 2.79
CA THR H 8 -40.81 20.32 3.38
C THR H 8 -41.54 20.50 4.71
N LEU H 9 -40.78 20.86 5.76
CA LEU H 9 -41.31 21.04 7.10
C LEU H 9 -41.53 22.55 7.40
N VAL I 1 10.84 7.99 -0.81
CA VAL I 1 10.46 9.14 0.06
C VAL I 1 10.91 10.43 -0.60
N ILE I 2 10.32 11.54 -0.15
CA ILE I 2 10.65 12.84 -0.72
C ILE I 2 11.70 13.51 0.14
N PRO I 3 12.43 14.50 -0.40
CA PRO I 3 13.46 15.22 0.35
C PRO I 3 12.94 15.83 1.64
N LEU I 4 13.81 15.87 2.66
CA LEU I 4 13.49 16.42 3.96
C LEU I 4 13.66 17.94 3.95
N SER I 5 14.28 18.47 2.88
CA SER I 5 14.45 19.89 2.70
C SER I 5 13.86 20.31 1.35
N ALA I 6 12.88 21.23 1.38
CA ALA I 6 12.36 21.86 0.18
C ALA I 6 12.97 23.26 0.07
N PRO I 7 13.68 23.60 -1.03
CA PRO I 7 14.31 24.91 -1.19
C PRO I 7 13.39 26.13 -1.13
N THR I 8 13.87 27.17 -0.44
CA THR I 8 13.22 28.48 -0.44
C THR I 8 13.83 29.31 -1.57
N LEU I 9 12.97 29.90 -2.41
CA LEU I 9 13.46 30.64 -3.56
C LEU I 9 13.45 32.16 -3.28
#